data_6VXH
#
_entry.id   6VXH
#
_cell.length_a   1.00
_cell.length_b   1.00
_cell.length_c   1.00
_cell.angle_alpha   90.00
_cell.angle_beta   90.00
_cell.angle_gamma   90.00
#
_symmetry.space_group_name_H-M   'P 1'
#
loop_
_entity.id
_entity.type
_entity.pdbx_description
1 polymer 'Broad substrate specificity ATP-binding cassette transporter ABCG2'
2 non-polymer CHOLESTEROL
3 non-polymer 4-(4-METHYL-PIPERAZIN-1-YLMETHYL)-N-[4-METHYL-3-(4-PYRIDIN-3-YL-PYRIMIDIN-2-YLAMINO)-PHENYL]-BENZAMIDE
#
_entity_poly.entity_id   1
_entity_poly.type   'polypeptide(L)'
_entity_poly.pdbx_seq_one_letter_code
;MSSSNVEVFIPVSQGNTNGFPATASNDLKAFTEGAVLSFHNICYRVKLKSGFLPCRKPVEKEILSNINGIMKPGLNAILG
PTGGGKSSLLDVLAARKDPSGLSGDVLINGAPRPANFKCNSGYVVQDDVVMGTLTVRENLQFSAALRLATTMTNHEKNER
INRVIQELGLDKVADSKVGTQFIRGVSGGERKRTSIGMELITDPSILFLDEPTTGLDSSTANAVLLLLKRMSKQGRTIIF
SIHQPRYSIFKLFDSLTLLASGRLMFHGPAQEALGYFESAGYHCEAYNNPADFFLDIINGDSTAVALNREEDFKATEIIE
PSKQDKPLIEKLAEIYVNSSFYKETKAELHQLSGGEKKKKITVFKEISYTTSFCHQLRWVSKRSFKNLLGNPQASIAQII
VTVVLGLVIGAIYFGLKNDSTGIQNRAGVLFFLTTNQCFSSVSAVELFVVEKKLFIHEYISGYYRVSSYFLGKLLSDLLP
MRMLPSIIFTCIVYFMLGLKPKADAFFVMMFTLMMVAYSASSMALAIAAGQSVVSVATLLMTICFVFMMIFSGLLVNLTT
IASWLSWLQYFSIPRYGFTALQHNEFLGQNFCPGLNATGNNPCNYATCTGEEYLVKQGIDLSPWGLWKNHVALACMIVIF
LTIAYLKLLFLKKYS
;
_entity_poly.pdbx_strand_id   A,B
#
# COMPACT_ATOMS: atom_id res chain seq x y z
N ALA A 35 -32.55 -26.65 16.58
CA ALA A 35 -33.06 -26.58 15.22
C ALA A 35 -32.22 -27.44 14.30
N VAL A 36 -32.57 -27.45 13.01
CA VAL A 36 -31.89 -28.26 12.01
C VAL A 36 -32.01 -27.56 10.66
N LEU A 37 -30.91 -27.51 9.92
CA LEU A 37 -30.84 -26.80 8.64
C LEU A 37 -30.81 -27.79 7.48
N SER A 38 -31.30 -27.33 6.33
CA SER A 38 -31.34 -28.14 5.12
C SER A 38 -31.47 -27.21 3.92
N PHE A 39 -31.13 -27.72 2.75
CA PHE A 39 -31.18 -26.94 1.54
C PHE A 39 -31.31 -27.88 0.36
N HIS A 40 -32.18 -27.52 -0.58
CA HIS A 40 -32.48 -28.39 -1.71
C HIS A 40 -32.41 -27.58 -3.01
N ASN A 41 -31.70 -28.15 -3.99
CA ASN A 41 -31.63 -27.66 -5.37
C ASN A 41 -31.09 -26.23 -5.44
N ILE A 42 -29.99 -26.01 -4.74
CA ILE A 42 -29.36 -24.69 -4.67
C ILE A 42 -28.63 -24.43 -5.97
N CYS A 43 -28.90 -23.27 -6.59
CA CYS A 43 -28.12 -22.79 -7.72
C CYS A 43 -27.91 -21.29 -7.59
N TYR A 44 -26.90 -20.78 -8.29
CA TYR A 44 -26.49 -19.39 -8.11
C TYR A 44 -25.76 -18.90 -9.34
N ARG A 45 -25.91 -17.63 -9.66
CA ARG A 45 -25.20 -16.97 -10.75
C ARG A 45 -24.78 -15.57 -10.32
N VAL A 46 -23.69 -15.09 -10.90
CA VAL A 46 -23.17 -13.76 -10.59
C VAL A 46 -24.01 -12.68 -11.28
N LYS A 61 -22.06 -16.37 -15.69
CA LYS A 61 -21.50 -17.67 -15.35
C LYS A 61 -22.11 -18.22 -14.07
N GLU A 62 -22.65 -19.43 -14.15
CA GLU A 62 -23.20 -20.10 -12.97
C GLU A 62 -22.05 -20.53 -12.06
N ILE A 63 -22.07 -20.07 -10.83
CA ILE A 63 -21.00 -20.37 -9.88
C ILE A 63 -21.21 -21.72 -9.20
N LEU A 64 -22.43 -22.00 -8.75
CA LEU A 64 -22.71 -23.19 -7.98
C LEU A 64 -23.72 -24.04 -8.74
N SER A 65 -23.96 -25.27 -8.30
CA SER A 65 -24.90 -26.15 -8.98
C SER A 65 -25.68 -26.93 -7.94
N ASN A 66 -26.53 -27.84 -8.40
CA ASN A 66 -27.58 -28.43 -7.57
C ASN A 66 -27.00 -29.32 -6.48
N ILE A 67 -26.99 -28.80 -5.27
CA ILE A 67 -26.48 -29.52 -4.09
C ILE A 67 -27.62 -29.67 -3.10
N ASN A 68 -27.66 -30.82 -2.43
CA ASN A 68 -28.81 -31.18 -1.60
C ASN A 68 -28.36 -31.72 -0.25
N GLY A 69 -27.43 -31.04 0.41
CA GLY A 69 -26.94 -31.51 1.69
C GLY A 69 -27.86 -31.15 2.84
N ILE A 70 -27.84 -31.99 3.88
CA ILE A 70 -28.58 -31.75 5.11
C ILE A 70 -27.57 -31.32 6.16
N MET A 71 -28.07 -30.66 7.21
CA MET A 71 -27.21 -30.06 8.24
C MET A 71 -27.88 -30.25 9.60
N LYS A 72 -27.45 -31.28 10.32
CA LYS A 72 -28.01 -31.59 11.62
C LYS A 72 -27.33 -30.75 12.71
N PRO A 73 -27.96 -30.62 13.88
CA PRO A 73 -27.25 -30.02 15.01
C PRO A 73 -26.09 -30.89 15.47
N GLY A 74 -25.08 -30.24 16.06
CA GLY A 74 -23.85 -30.90 16.39
C GLY A 74 -22.65 -30.02 16.09
N LEU A 75 -21.79 -30.46 15.18
CA LEU A 75 -20.61 -29.68 14.78
C LEU A 75 -20.32 -30.05 13.33
N ASN A 76 -20.83 -29.26 12.40
CA ASN A 76 -20.64 -29.51 10.98
C ASN A 76 -19.33 -28.94 10.49
N ALA A 77 -19.07 -29.14 9.20
CA ALA A 77 -17.88 -28.58 8.56
C ALA A 77 -18.10 -28.51 7.06
N ILE A 78 -17.39 -27.58 6.42
CA ILE A 78 -17.31 -27.50 4.97
C ILE A 78 -15.84 -27.56 4.60
N LEU A 79 -15.50 -28.39 3.61
CA LEU A 79 -14.12 -28.57 3.22
C LEU A 79 -13.92 -28.20 1.76
N GLY A 80 -12.66 -28.27 1.32
CA GLY A 80 -12.34 -28.08 -0.07
C GLY A 80 -11.29 -27.02 -0.31
N PRO A 81 -10.85 -26.89 -1.56
CA PRO A 81 -9.87 -25.87 -1.90
C PRO A 81 -10.51 -24.49 -1.95
N THR A 82 -9.63 -23.48 -2.04
CA THR A 82 -10.10 -22.10 -2.03
C THR A 82 -10.84 -21.73 -3.31
N GLY A 83 -10.49 -22.37 -4.44
CA GLY A 83 -11.16 -22.06 -5.69
C GLY A 83 -12.59 -22.56 -5.76
N GLY A 84 -12.95 -23.53 -4.92
CA GLY A 84 -14.30 -24.07 -4.94
C GLY A 84 -15.29 -23.24 -4.15
N GLY A 85 -16.19 -23.92 -3.46
CA GLY A 85 -17.21 -23.22 -2.70
C GLY A 85 -17.04 -23.34 -1.21
N LYS A 86 -15.79 -23.32 -0.73
CA LYS A 86 -15.58 -23.40 0.71
C LYS A 86 -15.91 -22.07 1.38
N SER A 87 -15.96 -20.99 0.60
CA SER A 87 -16.35 -19.68 1.10
C SER A 87 -17.57 -19.13 0.39
N SER A 88 -18.29 -19.98 -0.34
CA SER A 88 -19.45 -19.51 -1.08
C SER A 88 -20.77 -19.79 -0.38
N LEU A 89 -21.08 -21.05 -0.07
CA LEU A 89 -22.39 -21.38 0.45
C LEU A 89 -22.55 -21.02 1.93
N LEU A 90 -21.45 -20.64 2.60
CA LEU A 90 -21.59 -19.98 3.89
C LEU A 90 -22.32 -18.65 3.73
N ASP A 91 -22.04 -17.94 2.65
CA ASP A 91 -22.75 -16.69 2.40
C ASP A 91 -24.14 -16.92 1.82
N VAL A 92 -24.48 -18.16 1.45
CA VAL A 92 -25.84 -18.43 1.00
C VAL A 92 -26.74 -18.73 2.20
N LEU A 93 -26.23 -19.48 3.17
CA LEU A 93 -27.05 -19.85 4.32
C LEU A 93 -27.31 -18.66 5.24
N ALA A 94 -26.31 -17.81 5.44
CA ALA A 94 -26.41 -16.76 6.43
C ALA A 94 -27.00 -15.48 5.85
N ALA A 95 -27.74 -15.58 4.74
CA ALA A 95 -28.37 -14.49 4.02
C ALA A 95 -27.38 -13.40 3.65
N ARG A 96 -26.17 -13.81 3.28
CA ARG A 96 -25.10 -12.87 2.94
C ARG A 96 -24.91 -12.74 1.44
N LYS A 97 -25.18 -13.78 0.68
CA LYS A 97 -25.15 -13.65 -0.77
C LYS A 97 -26.37 -12.89 -1.26
N ASP A 98 -26.27 -12.39 -2.48
CA ASP A 98 -27.35 -11.61 -3.08
C ASP A 98 -28.53 -12.53 -3.38
N PRO A 99 -29.74 -12.18 -2.95
CA PRO A 99 -30.91 -13.00 -3.26
C PRO A 99 -31.37 -12.97 -4.70
N SER A 100 -30.65 -12.33 -5.62
CA SER A 100 -31.04 -12.33 -7.02
C SER A 100 -30.78 -13.69 -7.66
N GLY A 101 -29.53 -14.14 -7.63
CA GLY A 101 -29.17 -15.39 -8.28
C GLY A 101 -29.59 -16.63 -7.52
N LEU A 102 -30.07 -16.49 -6.29
CA LEU A 102 -30.49 -17.63 -5.51
C LEU A 102 -31.80 -18.19 -6.03
N SER A 103 -31.85 -19.50 -6.23
CA SER A 103 -33.01 -20.16 -6.84
C SER A 103 -33.66 -21.18 -5.92
N GLY A 104 -32.87 -22.00 -5.24
CA GLY A 104 -33.41 -23.08 -4.45
C GLY A 104 -34.04 -22.62 -3.15
N ASP A 105 -34.48 -23.60 -2.38
CA ASP A 105 -35.17 -23.35 -1.11
C ASP A 105 -34.34 -23.92 0.04
N VAL A 106 -34.05 -23.07 1.02
CA VAL A 106 -33.33 -23.44 2.23
C VAL A 106 -34.27 -23.30 3.41
N LEU A 107 -34.29 -24.33 4.26
CA LEU A 107 -35.34 -24.48 5.28
C LEU A 107 -34.72 -24.47 6.66
N ILE A 108 -35.51 -24.09 7.66
CA ILE A 108 -35.12 -24.24 9.06
C ILE A 108 -36.21 -25.07 9.74
N ASN A 109 -35.86 -26.33 10.06
CA ASN A 109 -36.74 -27.41 10.53
C ASN A 109 -38.12 -27.42 9.87
N GLY A 110 -38.11 -27.38 8.54
CA GLY A 110 -39.31 -27.44 7.74
C GLY A 110 -39.96 -26.09 7.48
N ALA A 111 -39.83 -25.15 8.40
CA ALA A 111 -40.39 -23.83 8.15
C ALA A 111 -39.43 -22.99 7.33
N PRO A 112 -39.93 -22.08 6.49
CA PRO A 112 -39.01 -21.19 5.77
C PRO A 112 -38.41 -20.15 6.70
N ARG A 113 -37.42 -19.44 6.18
CA ARG A 113 -36.63 -18.52 6.99
C ARG A 113 -37.45 -17.28 7.32
N PRO A 114 -37.31 -16.74 8.53
CA PRO A 114 -38.07 -15.53 8.89
C PRO A 114 -37.53 -14.29 8.19
N ALA A 115 -38.27 -13.18 8.31
CA ALA A 115 -37.79 -11.92 7.76
C ALA A 115 -36.70 -11.31 8.62
N ASN A 116 -36.61 -11.72 9.89
CA ASN A 116 -35.48 -11.40 10.74
C ASN A 116 -34.80 -12.72 11.09
N PHE A 117 -33.93 -13.18 10.19
CA PHE A 117 -33.13 -14.37 10.43
C PHE A 117 -31.65 -14.05 10.54
N LYS A 118 -31.18 -13.07 9.78
CA LYS A 118 -29.77 -12.72 9.83
C LYS A 118 -29.42 -12.02 11.13
N CYS A 119 -30.35 -11.31 11.74
CA CYS A 119 -30.10 -10.67 13.03
C CYS A 119 -30.58 -11.53 14.20
N ASN A 120 -30.29 -12.83 14.17
CA ASN A 120 -30.33 -13.65 15.37
C ASN A 120 -29.28 -14.75 15.37
N SER A 121 -28.31 -14.73 14.46
CA SER A 121 -27.36 -15.82 14.32
C SER A 121 -25.97 -15.23 14.04
N GLY A 122 -24.97 -15.79 14.70
CA GLY A 122 -23.64 -15.23 14.64
C GLY A 122 -22.94 -15.50 13.32
N TYR A 123 -22.10 -14.54 12.93
CA TYR A 123 -21.33 -14.64 11.71
C TYR A 123 -19.90 -14.19 11.96
N VAL A 124 -19.22 -14.82 12.91
CA VAL A 124 -17.82 -14.53 13.19
C VAL A 124 -16.98 -14.70 11.93
N VAL A 125 -16.29 -13.63 11.55
CA VAL A 125 -15.61 -13.57 10.25
C VAL A 125 -14.12 -13.78 10.41
N GLN A 126 -13.41 -13.89 9.28
CA GLN A 126 -11.98 -14.18 9.31
C GLN A 126 -11.18 -12.96 9.73
N ASP A 127 -11.25 -11.88 8.96
CA ASP A 127 -10.56 -10.64 9.31
C ASP A 127 -11.25 -10.03 10.51
N ASP A 128 -10.50 -9.84 11.59
CA ASP A 128 -11.07 -9.60 12.91
C ASP A 128 -11.74 -8.22 12.97
N VAL A 129 -13.00 -8.20 13.38
CA VAL A 129 -13.76 -6.98 13.51
C VAL A 129 -13.75 -6.47 14.95
N VAL A 130 -12.93 -7.05 15.81
CA VAL A 130 -12.78 -6.52 17.14
C VAL A 130 -11.94 -5.24 17.07
N MET A 131 -12.34 -4.23 17.83
CA MET A 131 -11.65 -2.95 17.80
C MET A 131 -10.33 -3.08 18.57
N GLY A 132 -9.28 -2.47 18.03
CA GLY A 132 -7.95 -2.60 18.59
C GLY A 132 -7.75 -1.96 19.94
N THR A 133 -7.79 -0.63 19.99
CA THR A 133 -7.55 0.09 21.25
C THR A 133 -8.84 0.14 22.07
N LEU A 134 -9.13 -0.97 22.72
CA LEU A 134 -10.35 -1.12 23.51
C LEU A 134 -10.17 -2.26 24.49
N THR A 135 -10.90 -2.22 25.60
CA THR A 135 -10.82 -3.28 26.59
C THR A 135 -11.80 -4.41 26.25
N VAL A 136 -11.42 -5.64 26.60
CA VAL A 136 -12.24 -6.81 26.28
C VAL A 136 -13.55 -6.77 27.05
N ARG A 137 -13.51 -6.35 28.31
CA ARG A 137 -14.74 -6.19 29.08
C ARG A 137 -15.54 -4.99 28.58
N GLU A 138 -14.86 -4.05 27.92
CA GLU A 138 -15.56 -2.97 27.23
C GLU A 138 -16.03 -3.40 25.84
N ASN A 139 -15.35 -4.36 25.21
CA ASN A 139 -15.72 -4.74 23.86
C ASN A 139 -16.97 -5.60 23.86
N LEU A 140 -17.10 -6.50 24.84
CA LEU A 140 -18.33 -7.25 24.98
C LEU A 140 -19.43 -6.38 25.59
N GLN A 141 -19.05 -5.29 26.22
CA GLN A 141 -20.03 -4.32 26.72
C GLN A 141 -20.77 -3.66 25.57
N PHE A 142 -20.08 -3.39 24.47
CA PHE A 142 -20.70 -2.71 23.34
C PHE A 142 -21.70 -3.60 22.63
N SER A 143 -21.41 -4.90 22.53
CA SER A 143 -22.33 -5.82 21.86
C SER A 143 -23.60 -6.02 22.68
N ALA A 144 -23.46 -6.04 24.01
CA ALA A 144 -24.62 -6.21 24.88
C ALA A 144 -25.48 -4.96 24.96
N ALA A 145 -24.93 -3.80 24.66
CA ALA A 145 -25.67 -2.57 24.82
C ALA A 145 -26.55 -2.22 23.64
N LEU A 146 -26.57 -3.05 22.59
CA LEU A 146 -27.36 -2.72 21.41
C LEU A 146 -28.34 -3.80 21.01
N ARG A 147 -27.99 -5.07 21.14
CA ARG A 147 -28.83 -6.13 20.60
C ARG A 147 -29.95 -6.57 21.53
N LEU A 148 -29.80 -6.43 22.84
CA LEU A 148 -30.77 -6.98 23.77
C LEU A 148 -31.14 -6.09 24.94
N ALA A 149 -30.64 -4.86 25.02
CA ALA A 149 -30.81 -4.02 26.20
C ALA A 149 -32.01 -3.10 26.08
N THR A 150 -33.07 -3.53 25.40
CA THR A 150 -34.22 -2.68 25.20
C THR A 150 -35.13 -2.59 26.43
N THR A 151 -35.18 -3.64 27.24
CA THR A 151 -36.10 -3.68 28.37
C THR A 151 -35.40 -3.99 29.70
N MET A 152 -34.43 -4.89 29.69
CA MET A 152 -33.73 -5.25 30.92
C MET A 152 -32.84 -4.09 31.37
N THR A 153 -32.72 -3.95 32.69
CA THR A 153 -32.03 -2.80 33.25
C THR A 153 -30.52 -3.05 33.23
N ASN A 154 -29.76 -2.08 33.75
CA ASN A 154 -28.31 -2.05 33.61
C ASN A 154 -27.58 -2.99 34.57
N HIS A 155 -28.29 -3.79 35.35
CA HIS A 155 -27.68 -4.84 36.15
C HIS A 155 -28.29 -6.18 35.78
N GLU A 156 -28.55 -6.38 34.50
CA GLU A 156 -28.98 -7.64 33.92
C GLU A 156 -28.13 -8.03 32.73
N LYS A 157 -27.55 -7.05 32.04
CA LYS A 157 -26.61 -7.33 30.97
C LYS A 157 -25.27 -7.82 31.49
N ASN A 158 -24.90 -7.45 32.72
CA ASN A 158 -23.58 -7.77 33.22
C ASN A 158 -23.52 -9.17 33.83
N GLU A 159 -24.67 -9.78 34.10
CA GLU A 159 -24.65 -11.17 34.55
C GLU A 159 -24.68 -12.14 33.37
N ARG A 160 -25.27 -11.74 32.24
CA ARG A 160 -25.25 -12.61 31.08
C ARG A 160 -23.86 -12.66 30.44
N ILE A 161 -23.15 -11.53 30.40
CA ILE A 161 -21.82 -11.55 29.81
C ILE A 161 -20.81 -12.24 30.71
N ASN A 162 -21.00 -12.19 32.04
CA ASN A 162 -20.14 -12.93 32.95
C ASN A 162 -20.30 -14.43 32.83
N ARG A 163 -21.44 -14.89 32.31
CA ARG A 163 -21.58 -16.29 31.92
C ARG A 163 -20.72 -16.62 30.72
N VAL A 164 -20.39 -15.62 29.90
CA VAL A 164 -19.61 -15.87 28.69
C VAL A 164 -18.12 -15.74 28.97
N ILE A 165 -17.71 -14.75 29.76
CA ILE A 165 -16.29 -14.59 30.09
C ILE A 165 -15.83 -15.70 31.04
N GLN A 166 -16.74 -16.32 31.79
CA GLN A 166 -16.37 -17.50 32.54
C GLN A 166 -16.23 -18.73 31.65
N GLU A 167 -16.78 -18.68 30.44
CA GLU A 167 -16.40 -19.63 29.40
C GLU A 167 -15.23 -19.05 28.64
N LEU A 168 -14.87 -19.68 27.51
CA LEU A 168 -13.93 -19.20 26.50
C LEU A 168 -12.48 -19.13 26.97
N GLY A 169 -12.19 -19.37 28.25
CA GLY A 169 -10.87 -19.13 28.79
C GLY A 169 -10.46 -17.67 28.73
N LEU A 170 -11.13 -16.80 29.48
CA LEU A 170 -10.95 -15.37 29.32
C LEU A 170 -10.76 -14.59 30.61
N ASP A 171 -11.00 -15.21 31.77
CA ASP A 171 -10.98 -14.48 33.04
C ASP A 171 -9.59 -14.08 33.51
N LYS A 172 -8.53 -14.52 32.81
CA LYS A 172 -7.19 -14.05 33.13
C LYS A 172 -6.82 -12.79 32.38
N VAL A 173 -7.33 -12.60 31.16
CA VAL A 173 -6.92 -11.48 30.31
C VAL A 173 -8.17 -10.65 30.06
N ALA A 174 -9.06 -10.59 31.03
CA ALA A 174 -10.37 -9.98 30.82
C ALA A 174 -10.36 -8.45 30.86
N ASP A 175 -9.24 -7.80 31.17
CA ASP A 175 -9.19 -6.34 31.26
C ASP A 175 -7.94 -5.79 30.57
N SER A 176 -7.65 -6.29 29.38
CA SER A 176 -6.49 -5.83 28.62
C SER A 176 -6.95 -5.27 27.28
N LYS A 177 -6.07 -4.49 26.65
CA LYS A 177 -6.28 -4.09 25.28
C LYS A 177 -5.94 -5.25 24.36
N VAL A 178 -6.74 -5.44 23.31
CA VAL A 178 -6.57 -6.62 22.47
C VAL A 178 -5.35 -6.47 21.57
N GLY A 179 -4.87 -5.25 21.38
CA GLY A 179 -3.70 -5.01 20.55
C GLY A 179 -4.01 -5.09 19.07
N THR A 180 -3.12 -4.48 18.30
CA THR A 180 -3.21 -4.47 16.86
C THR A 180 -1.90 -5.02 16.31
N GLN A 181 -1.69 -4.88 15.01
CA GLN A 181 -0.39 -5.22 14.44
C GLN A 181 0.64 -4.12 14.72
N PHE A 182 0.17 -2.95 15.15
CA PHE A 182 1.01 -1.82 15.45
C PHE A 182 1.30 -1.65 16.94
N ILE A 183 0.44 -2.18 17.82
CA ILE A 183 0.62 -2.07 19.26
C ILE A 183 0.46 -3.46 19.87
N ARG A 184 1.40 -3.84 20.74
CA ARG A 184 1.38 -5.16 21.37
C ARG A 184 0.27 -5.25 22.41
N GLY A 185 -0.28 -6.45 22.54
CA GLY A 185 -1.39 -6.68 23.43
C GLY A 185 -1.71 -8.15 23.57
N VAL A 186 -3.00 -8.50 23.53
CA VAL A 186 -3.40 -9.90 23.61
C VAL A 186 -3.01 -10.60 22.32
N SER A 187 -2.43 -11.79 22.46
CA SER A 187 -1.91 -12.55 21.35
C SER A 187 -3.05 -13.02 20.43
N GLY A 188 -2.67 -13.38 19.20
CA GLY A 188 -3.64 -13.74 18.17
C GLY A 188 -4.38 -15.02 18.44
N GLY A 189 -3.83 -15.90 19.28
CA GLY A 189 -4.55 -17.11 19.60
C GLY A 189 -5.73 -16.92 20.53
N GLU A 190 -5.86 -15.75 21.14
CA GLU A 190 -6.92 -15.49 22.10
C GLU A 190 -7.88 -14.40 21.66
N ARG A 191 -7.65 -13.79 20.49
CA ARG A 191 -8.57 -12.81 19.96
C ARG A 191 -9.64 -13.41 19.07
N LYS A 192 -9.42 -14.62 18.54
CA LYS A 192 -10.42 -15.22 17.67
C LYS A 192 -11.60 -15.73 18.47
N ARG A 193 -11.35 -16.30 19.64
CA ARG A 193 -12.44 -16.63 20.53
C ARG A 193 -13.00 -15.42 21.25
N THR A 194 -12.27 -14.30 21.25
CA THR A 194 -12.83 -13.05 21.74
C THR A 194 -13.91 -12.53 20.80
N SER A 195 -13.70 -12.68 19.50
CA SER A 195 -14.71 -12.22 18.53
C SER A 195 -15.89 -13.17 18.48
N ILE A 196 -15.71 -14.43 18.89
CA ILE A 196 -16.80 -15.39 18.92
C ILE A 196 -17.84 -14.99 19.95
N GLY A 197 -17.38 -14.58 21.13
CA GLY A 197 -18.29 -14.22 22.19
C GLY A 197 -19.01 -12.91 21.94
N MET A 198 -18.52 -12.09 21.01
CA MET A 198 -19.17 -10.82 20.71
C MET A 198 -20.53 -11.03 20.06
N GLU A 199 -20.70 -12.15 19.35
CA GLU A 199 -21.98 -12.52 18.77
C GLU A 199 -22.62 -13.70 19.48
N LEU A 200 -22.12 -14.03 20.67
CA LEU A 200 -22.73 -15.03 21.54
C LEU A 200 -23.54 -14.39 22.67
N ILE A 201 -23.56 -13.06 22.74
CA ILE A 201 -24.22 -12.37 23.85
C ILE A 201 -25.73 -12.53 23.74
N THR A 202 -26.29 -12.22 22.59
CA THR A 202 -27.63 -12.70 22.31
C THR A 202 -27.59 -14.21 22.19
N ASP A 203 -28.69 -14.84 22.60
CA ASP A 203 -28.77 -16.29 22.62
C ASP A 203 -29.03 -16.85 21.23
N PRO A 204 -28.04 -17.47 20.58
CA PRO A 204 -28.21 -17.89 19.19
C PRO A 204 -28.71 -19.31 19.06
N SER A 205 -28.81 -19.78 17.83
CA SER A 205 -28.98 -21.19 17.56
C SER A 205 -28.08 -21.72 16.45
N ILE A 206 -27.52 -20.86 15.60
CA ILE A 206 -26.49 -21.24 14.65
C ILE A 206 -25.33 -20.28 14.81
N LEU A 207 -24.09 -20.79 14.74
CA LEU A 207 -22.88 -19.97 14.72
C LEU A 207 -22.17 -20.19 13.40
N PHE A 208 -22.49 -19.37 12.40
CA PHE A 208 -21.85 -19.50 11.10
C PHE A 208 -20.42 -18.99 11.14
N LEU A 209 -19.49 -19.79 11.65
CA LEU A 209 -18.10 -19.35 11.68
C LEU A 209 -17.49 -19.43 10.29
N ASP A 210 -16.42 -18.68 10.08
CA ASP A 210 -15.92 -18.33 8.76
C ASP A 210 -14.40 -18.48 8.69
N GLU A 211 -13.92 -19.72 8.86
CA GLU A 211 -12.53 -20.20 8.81
C GLU A 211 -11.67 -19.53 9.87
N PRO A 212 -11.81 -19.94 11.13
CA PRO A 212 -11.06 -19.30 12.21
C PRO A 212 -9.56 -19.57 12.18
N THR A 213 -9.16 -20.82 11.91
CA THR A 213 -7.79 -21.24 12.16
C THR A 213 -6.87 -21.09 10.97
N THR A 214 -7.10 -20.12 10.10
CA THR A 214 -6.11 -19.81 9.08
C THR A 214 -5.19 -18.71 9.56
N GLY A 215 -3.89 -18.92 9.43
CA GLY A 215 -2.89 -18.00 9.93
C GLY A 215 -2.92 -17.89 11.44
N LEU A 216 -3.13 -19.00 12.12
CA LEU A 216 -3.42 -19.01 13.55
C LEU A 216 -2.57 -20.04 14.27
N ASP A 217 -1.26 -20.01 14.02
CA ASP A 217 -0.15 -20.60 14.79
C ASP A 217 -0.40 -22.01 15.35
N SER A 218 -0.49 -22.98 14.42
CA SER A 218 -1.18 -24.27 14.50
C SER A 218 -1.06 -25.08 15.80
N SER A 219 -0.01 -24.82 16.60
CA SER A 219 0.16 -25.46 17.90
C SER A 219 -1.02 -25.24 18.84
N THR A 220 -1.69 -24.08 18.77
CA THR A 220 -2.89 -23.83 19.56
C THR A 220 -4.10 -23.52 18.69
N ALA A 221 -4.05 -23.86 17.40
CA ALA A 221 -5.21 -23.68 16.54
C ALA A 221 -6.32 -24.66 16.85
N ASN A 222 -6.00 -25.81 17.44
CA ASN A 222 -7.04 -26.74 17.85
C ASN A 222 -7.80 -26.28 19.08
N ALA A 223 -7.25 -25.30 19.82
CA ALA A 223 -7.87 -24.86 21.06
C ALA A 223 -9.18 -24.13 20.81
N VAL A 224 -9.37 -23.60 19.59
CA VAL A 224 -10.66 -23.05 19.20
C VAL A 224 -11.69 -24.17 19.00
N LEU A 225 -11.29 -25.28 18.40
CA LEU A 225 -12.21 -26.33 18.03
C LEU A 225 -12.55 -27.29 19.15
N LEU A 226 -11.60 -27.60 20.04
CA LEU A 226 -11.96 -28.36 21.23
C LEU A 226 -12.82 -27.53 22.17
N LEU A 227 -12.65 -26.20 22.14
CA LEU A 227 -13.62 -25.31 22.77
C LEU A 227 -14.97 -25.39 22.07
N LEU A 228 -14.95 -25.48 20.73
CA LEU A 228 -16.19 -25.60 19.98
C LEU A 228 -16.89 -26.93 20.21
N LYS A 229 -16.14 -27.98 20.56
CA LYS A 229 -16.76 -29.26 20.88
C LYS A 229 -17.58 -29.17 22.15
N ARG A 230 -17.06 -28.52 23.18
CA ARG A 230 -17.75 -28.46 24.47
C ARG A 230 -18.93 -27.51 24.44
N MET A 231 -18.93 -26.52 23.54
CA MET A 231 -20.07 -25.62 23.46
C MET A 231 -21.14 -26.18 22.53
N SER A 232 -20.78 -27.13 21.68
CA SER A 232 -21.74 -27.73 20.76
C SER A 232 -22.71 -28.68 21.44
N LYS A 233 -22.42 -29.12 22.68
CA LYS A 233 -23.27 -30.11 23.31
C LYS A 233 -24.53 -29.52 23.89
N GLN A 234 -24.62 -28.19 23.94
CA GLN A 234 -25.76 -27.51 24.54
C GLN A 234 -26.87 -27.21 23.55
N GLY A 235 -26.78 -27.73 22.32
CA GLY A 235 -27.84 -27.55 21.35
C GLY A 235 -27.55 -26.45 20.36
N ARG A 236 -26.29 -26.23 20.05
CA ARG A 236 -25.86 -25.22 19.08
C ARG A 236 -25.50 -25.93 17.78
N THR A 237 -25.83 -25.30 16.66
CA THR A 237 -25.47 -25.85 15.36
C THR A 237 -24.27 -25.07 14.83
N ILE A 238 -23.09 -25.59 15.12
CA ILE A 238 -21.86 -24.99 14.64
C ILE A 238 -21.66 -25.37 13.18
N ILE A 239 -21.71 -24.39 12.30
CA ILE A 239 -21.49 -24.60 10.87
C ILE A 239 -20.34 -23.70 10.45
N PHE A 240 -19.21 -24.29 10.08
CA PHE A 240 -18.09 -23.50 9.63
C PHE A 240 -17.39 -24.20 8.47
N SER A 241 -16.31 -23.59 8.01
CA SER A 241 -15.57 -24.05 6.84
C SER A 241 -14.09 -23.92 7.14
N ILE A 242 -13.50 -24.98 7.67
CA ILE A 242 -12.07 -24.98 8.01
C ILE A 242 -11.24 -24.99 6.73
N HIS A 243 -9.97 -24.63 6.86
CA HIS A 243 -9.08 -24.51 5.71
C HIS A 243 -7.84 -25.38 5.94
N GLN A 244 -7.77 -26.48 5.21
CA GLN A 244 -6.71 -27.49 5.20
C GLN A 244 -6.37 -28.06 6.58
N PRO A 245 -7.22 -28.90 7.16
CA PRO A 245 -6.80 -29.62 8.35
C PRO A 245 -5.94 -30.81 7.98
N ARG A 246 -5.01 -31.16 8.87
CA ARG A 246 -4.03 -32.16 8.45
C ARG A 246 -4.58 -33.58 8.63
N TYR A 247 -4.76 -34.01 9.88
CA TYR A 247 -5.51 -35.24 10.16
C TYR A 247 -6.35 -35.18 11.42
N SER A 248 -6.03 -34.30 12.38
CA SER A 248 -6.39 -34.50 13.78
C SER A 248 -7.89 -34.40 14.03
N ILE A 249 -8.56 -33.48 13.34
CA ILE A 249 -9.97 -33.23 13.63
C ILE A 249 -10.86 -34.02 12.69
N PHE A 250 -10.26 -34.78 11.76
CA PHE A 250 -11.02 -35.55 10.78
C PHE A 250 -11.84 -36.66 11.45
N LYS A 251 -11.42 -37.09 12.64
CA LYS A 251 -12.28 -37.90 13.48
C LYS A 251 -13.10 -37.05 14.44
N LEU A 252 -12.64 -35.83 14.75
CA LEU A 252 -13.29 -34.99 15.76
C LEU A 252 -14.30 -34.04 15.11
N PHE A 253 -15.18 -34.62 14.31
CA PHE A 253 -16.23 -33.86 13.63
C PHE A 253 -17.55 -34.60 13.74
N ASP A 254 -18.58 -34.07 13.14
CA ASP A 254 -19.84 -34.79 13.10
C ASP A 254 -20.38 -34.98 11.69
N SER A 255 -20.25 -33.97 10.84
CA SER A 255 -20.76 -34.04 9.47
C SER A 255 -19.91 -33.16 8.57
N LEU A 256 -19.42 -33.71 7.48
CA LEU A 256 -18.68 -32.94 6.50
C LEU A 256 -19.59 -32.57 5.35
N THR A 257 -19.20 -31.55 4.60
CA THR A 257 -19.86 -31.19 3.35
C THR A 257 -18.78 -30.75 2.37
N LEU A 258 -17.79 -31.62 2.15
CA LEU A 258 -16.67 -31.34 1.25
C LEU A 258 -17.15 -30.96 -0.14
N LEU A 259 -16.51 -29.95 -0.73
CA LEU A 259 -16.83 -29.42 -2.05
C LEU A 259 -15.56 -29.24 -2.85
N ALA A 260 -15.65 -29.52 -4.15
CA ALA A 260 -14.50 -29.37 -5.03
C ALA A 260 -14.98 -28.86 -6.38
N SER A 261 -14.20 -27.94 -6.97
CA SER A 261 -14.43 -27.32 -8.27
C SER A 261 -15.76 -26.60 -8.36
N GLY A 262 -16.35 -26.24 -7.22
CA GLY A 262 -17.56 -25.46 -7.17
C GLY A 262 -18.78 -26.08 -7.81
N ARG A 263 -18.85 -27.41 -7.89
CA ARG A 263 -19.99 -28.06 -8.52
C ARG A 263 -20.83 -28.81 -7.50
N LEU A 264 -20.30 -29.88 -6.89
CA LEU A 264 -21.06 -30.77 -6.02
C LEU A 264 -20.13 -31.80 -5.40
N MET A 265 -20.33 -32.10 -4.12
CA MET A 265 -19.89 -33.35 -3.51
C MET A 265 -20.60 -33.49 -2.17
N PHE A 266 -21.04 -34.71 -1.89
CA PHE A 266 -21.63 -35.12 -0.62
C PHE A 266 -20.52 -35.71 0.25
N HIS A 267 -20.86 -36.75 1.04
CA HIS A 267 -20.38 -37.18 2.36
C HIS A 267 -20.94 -36.26 3.43
N GLY A 268 -22.26 -36.09 3.45
CA GLY A 268 -22.93 -35.35 4.48
C GLY A 268 -22.70 -35.92 5.87
N PRO A 269 -23.29 -37.08 6.16
CA PRO A 269 -22.95 -37.77 7.41
C PRO A 269 -21.56 -38.38 7.31
N ALA A 270 -20.77 -38.16 8.36
CA ALA A 270 -19.36 -38.55 8.33
C ALA A 270 -18.84 -38.75 9.75
N GLN A 271 -18.67 -40.01 10.13
CA GLN A 271 -17.79 -40.37 11.23
C GLN A 271 -16.86 -41.45 10.73
N GLU A 272 -17.32 -42.19 9.71
CA GLU A 272 -16.42 -43.06 8.96
C GLU A 272 -15.60 -42.22 7.99
N ALA A 273 -16.28 -41.35 7.21
CA ALA A 273 -15.75 -40.16 6.55
C ALA A 273 -14.70 -40.47 5.46
N LEU A 274 -14.39 -41.73 5.20
CA LEU A 274 -13.44 -42.09 4.16
C LEU A 274 -13.90 -43.26 3.32
N GLY A 275 -14.87 -44.03 3.80
CA GLY A 275 -15.29 -45.28 3.18
C GLY A 275 -15.98 -45.14 1.85
N TYR A 276 -16.32 -43.91 1.44
CA TYR A 276 -17.01 -43.70 0.18
C TYR A 276 -16.09 -43.81 -1.03
N PHE A 277 -14.79 -43.53 -0.87
CA PHE A 277 -13.89 -43.40 -2.00
C PHE A 277 -12.98 -44.61 -2.20
N GLU A 278 -13.01 -45.58 -1.29
CA GLU A 278 -12.19 -46.77 -1.47
C GLU A 278 -12.88 -47.85 -2.29
N SER A 279 -13.98 -47.52 -2.98
CA SER A 279 -14.61 -48.44 -3.92
C SER A 279 -14.77 -47.80 -5.29
N ALA A 280 -13.91 -46.81 -5.60
CA ALA A 280 -14.10 -46.00 -6.80
C ALA A 280 -12.87 -45.99 -7.71
N GLY A 281 -11.95 -46.92 -7.53
CA GLY A 281 -10.74 -46.94 -8.36
C GLY A 281 -9.64 -46.05 -7.84
N TYR A 282 -9.92 -44.76 -7.66
CA TYR A 282 -8.94 -43.81 -7.13
C TYR A 282 -8.97 -43.88 -5.60
N HIS A 283 -8.06 -44.69 -5.07
CA HIS A 283 -8.06 -45.00 -3.65
C HIS A 283 -7.06 -44.14 -2.89
N CYS A 284 -7.52 -43.55 -1.79
CA CYS A 284 -6.59 -43.10 -0.77
C CYS A 284 -6.06 -44.35 -0.07
N GLU A 285 -4.78 -44.33 0.26
CA GLU A 285 -4.10 -45.55 0.69
C GLU A 285 -3.23 -45.29 1.92
N ALA A 286 -2.49 -46.33 2.31
CA ALA A 286 -1.47 -46.23 3.35
C ALA A 286 -0.41 -45.22 2.95
N TYR A 287 0.04 -44.45 3.94
CA TYR A 287 0.96 -43.32 3.78
C TYR A 287 0.44 -42.29 2.78
N ASN A 288 -0.79 -41.83 3.01
CA ASN A 288 -1.45 -40.79 2.23
C ASN A 288 -2.39 -40.02 3.15
N ASN A 289 -2.47 -38.71 2.95
CA ASN A 289 -3.41 -37.93 3.75
C ASN A 289 -4.83 -38.20 3.26
N PRO A 290 -5.77 -38.45 4.18
CA PRO A 290 -7.15 -38.69 3.74
C PRO A 290 -7.87 -37.42 3.31
N ALA A 291 -7.55 -36.26 3.92
CA ALA A 291 -8.28 -35.03 3.65
C ALA A 291 -7.72 -34.23 2.49
N ASP A 292 -6.69 -34.73 1.81
CA ASP A 292 -6.06 -33.99 0.71
C ASP A 292 -6.19 -34.69 -0.62
N PHE A 293 -6.19 -36.03 -0.64
CA PHE A 293 -6.32 -36.78 -1.89
C PHE A 293 -7.70 -36.64 -2.51
N PHE A 294 -8.71 -36.34 -1.68
CA PHE A 294 -10.10 -36.30 -2.12
C PHE A 294 -10.31 -35.22 -3.18
N LEU A 295 -9.53 -34.15 -3.11
CA LEU A 295 -9.52 -33.10 -4.11
C LEU A 295 -8.27 -33.10 -4.98
N ASP A 296 -7.45 -34.16 -4.90
CA ASP A 296 -6.18 -34.16 -5.62
C ASP A 296 -6.32 -34.55 -7.08
N ILE A 297 -7.50 -35.01 -7.50
CA ILE A 297 -7.73 -35.33 -8.91
C ILE A 297 -7.73 -34.08 -9.78
N ILE A 298 -8.02 -32.91 -9.21
CA ILE A 298 -7.77 -31.65 -9.90
C ILE A 298 -6.37 -31.13 -9.63
N ASN A 299 -5.66 -31.69 -8.65
CA ASN A 299 -4.28 -31.29 -8.38
C ASN A 299 -3.26 -32.05 -9.21
N GLY A 300 -3.68 -33.09 -9.93
CA GLY A 300 -2.80 -33.77 -10.85
C GLY A 300 -2.24 -35.08 -10.34
N ASP A 301 -3.02 -35.79 -9.52
CA ASP A 301 -2.69 -37.10 -8.97
C ASP A 301 -1.37 -37.17 -8.20
N LEU A 328 -10.26 -37.14 -13.50
CA LEU A 328 -11.03 -35.90 -13.48
C LEU A 328 -11.93 -35.84 -12.25
N ILE A 329 -12.44 -34.64 -11.94
CA ILE A 329 -13.41 -34.49 -10.86
C ILE A 329 -14.76 -35.03 -11.31
N GLU A 330 -15.00 -35.02 -12.62
CA GLU A 330 -16.22 -35.61 -13.16
C GLU A 330 -16.23 -37.13 -12.98
N LYS A 331 -15.06 -37.75 -12.88
CA LYS A 331 -14.98 -39.18 -12.62
C LYS A 331 -15.49 -39.53 -11.24
N LEU A 332 -15.25 -38.66 -10.26
CA LEU A 332 -15.78 -38.90 -8.92
C LEU A 332 -17.14 -38.22 -8.74
N ALA A 333 -17.53 -37.36 -9.68
CA ALA A 333 -18.84 -36.73 -9.61
C ALA A 333 -19.93 -37.70 -10.03
N GLU A 334 -19.59 -38.64 -10.93
CA GLU A 334 -20.62 -39.50 -11.51
C GLU A 334 -20.97 -40.66 -10.59
N ILE A 335 -20.31 -40.76 -9.44
CA ILE A 335 -20.60 -41.84 -8.50
C ILE A 335 -21.96 -41.62 -7.84
N TYR A 336 -22.42 -40.36 -7.82
CA TYR A 336 -23.55 -40.01 -6.98
C TYR A 336 -24.88 -40.27 -7.66
N VAL A 337 -24.87 -40.88 -8.85
CA VAL A 337 -26.10 -41.32 -9.48
C VAL A 337 -26.41 -42.72 -8.93
N ASN A 338 -25.36 -43.42 -8.46
CA ASN A 338 -25.49 -44.75 -7.89
C ASN A 338 -24.67 -44.90 -6.62
N SER A 339 -24.77 -43.95 -5.70
CA SER A 339 -23.92 -43.91 -4.52
C SER A 339 -24.59 -44.56 -3.32
N SER A 340 -23.95 -44.40 -2.15
CA SER A 340 -24.41 -44.99 -0.91
C SER A 340 -24.98 -43.97 0.07
N PHE A 341 -25.04 -42.70 -0.31
CA PHE A 341 -25.58 -41.67 0.57
C PHE A 341 -26.65 -40.81 -0.10
N TYR A 342 -26.66 -40.73 -1.42
CA TYR A 342 -27.66 -39.92 -2.13
C TYR A 342 -29.04 -40.57 -2.07
N LYS A 343 -29.08 -41.89 -1.91
CA LYS A 343 -30.33 -42.64 -2.01
C LYS A 343 -31.21 -42.54 -0.76
N GLU A 344 -30.76 -41.86 0.28
CA GLU A 344 -31.58 -41.64 1.46
C GLU A 344 -31.85 -40.18 1.75
N THR A 345 -30.97 -39.28 1.30
CA THR A 345 -31.09 -37.88 1.66
C THR A 345 -32.16 -37.17 0.85
N LYS A 346 -32.45 -37.64 -0.37
CA LYS A 346 -33.52 -37.03 -1.15
C LYS A 346 -34.89 -37.39 -0.59
N ALA A 347 -34.97 -38.41 0.26
CA ALA A 347 -36.23 -38.76 0.89
C ALA A 347 -36.69 -37.68 1.86
N GLU A 348 -35.81 -37.28 2.79
CA GLU A 348 -36.17 -36.28 3.79
C GLU A 348 -36.31 -34.90 3.17
N LEU A 349 -35.49 -34.59 2.16
CA LEU A 349 -35.59 -33.30 1.49
C LEU A 349 -36.81 -33.21 0.58
N HIS A 350 -37.40 -34.33 0.21
CA HIS A 350 -38.71 -34.31 -0.45
C HIS A 350 -39.84 -34.64 0.51
N GLN A 351 -39.51 -35.01 1.75
CA GLN A 351 -40.54 -35.23 2.76
C GLN A 351 -41.11 -33.91 3.26
N LEU A 352 -40.24 -33.00 3.70
CA LEU A 352 -40.67 -31.75 4.31
C LEU A 352 -40.77 -30.60 3.31
N SER A 353 -40.94 -30.88 2.02
CA SER A 353 -41.02 -29.83 1.03
C SER A 353 -42.35 -29.07 1.09
N GLY A 354 -43.41 -29.73 1.53
CA GLY A 354 -44.72 -29.08 1.62
C GLY A 354 -44.94 -28.38 2.95
N THR A 370 -33.39 -0.82 15.11
CA THR A 370 -34.85 -0.96 15.10
C THR A 370 -35.43 -0.65 16.48
N THR A 371 -34.56 -0.24 17.41
CA THR A 371 -34.95 0.06 18.78
C THR A 371 -34.11 1.22 19.31
N SER A 372 -34.77 2.24 19.86
CA SER A 372 -34.17 3.27 20.72
C SER A 372 -33.07 4.06 20.01
N PHE A 373 -33.53 4.91 19.05
CA PHE A 373 -32.62 5.71 18.23
C PHE A 373 -31.70 6.60 19.07
N CYS A 374 -32.27 7.30 20.06
CA CYS A 374 -31.45 8.21 20.87
C CYS A 374 -30.49 7.46 21.77
N HIS A 375 -30.79 6.20 22.07
CA HIS A 375 -29.83 5.37 22.80
C HIS A 375 -28.69 4.93 21.90
N GLN A 376 -28.92 4.88 20.58
CA GLN A 376 -27.91 4.36 19.67
C GLN A 376 -26.72 5.30 19.56
N LEU A 377 -26.96 6.53 19.09
CA LEU A 377 -25.83 7.44 18.83
C LEU A 377 -25.24 8.02 20.11
N ARG A 378 -25.84 7.75 21.27
CA ARG A 378 -25.11 8.00 22.51
C ARG A 378 -24.03 6.94 22.70
N TRP A 379 -24.35 5.68 22.40
CA TRP A 379 -23.41 4.61 22.70
C TRP A 379 -22.43 4.40 21.55
N VAL A 380 -22.86 4.71 20.32
CA VAL A 380 -21.94 4.65 19.18
C VAL A 380 -20.86 5.71 19.34
N SER A 381 -21.23 6.86 19.90
CA SER A 381 -20.30 7.93 20.23
C SER A 381 -19.25 7.52 21.26
N LYS A 382 -19.52 6.50 22.07
CA LYS A 382 -18.57 6.10 23.09
C LYS A 382 -17.39 5.34 22.54
N ARG A 383 -17.56 4.57 21.46
CA ARG A 383 -16.45 3.81 20.90
C ARG A 383 -15.42 4.71 20.24
N SER A 384 -15.86 5.54 19.29
CA SER A 384 -14.92 6.35 18.51
C SER A 384 -14.21 7.39 19.37
N PHE A 385 -14.81 7.78 20.49
CA PHE A 385 -14.10 8.67 21.40
C PHE A 385 -13.10 7.89 22.25
N LYS A 386 -13.46 6.69 22.69
CA LYS A 386 -12.51 5.89 23.46
C LYS A 386 -11.44 5.28 22.58
N ASN A 387 -11.70 5.18 21.28
CA ASN A 387 -10.66 4.75 20.36
C ASN A 387 -9.59 5.82 20.18
N LEU A 388 -9.99 7.09 20.19
CA LEU A 388 -9.03 8.18 20.01
C LEU A 388 -8.11 8.35 21.21
N LEU A 389 -8.66 8.21 22.42
CA LEU A 389 -7.84 8.34 23.62
C LEU A 389 -6.89 7.16 23.75
N GLY A 390 -7.31 5.99 23.30
CA GLY A 390 -6.49 4.81 23.43
C GLY A 390 -5.33 4.73 22.46
N ASN A 391 -5.36 5.50 21.38
CA ASN A 391 -4.31 5.45 20.38
C ASN A 391 -3.69 6.82 20.19
N PRO A 392 -2.81 7.28 21.09
CA PRO A 392 -2.24 8.62 21.00
C PRO A 392 -0.98 8.67 20.14
N GLN A 393 -1.08 8.17 18.91
CA GLN A 393 -0.01 8.32 17.93
C GLN A 393 -0.47 9.10 16.71
N ALA A 394 -1.75 9.03 16.39
CA ALA A 394 -2.29 9.85 15.32
C ALA A 394 -3.13 11.02 15.84
N SER A 395 -3.50 11.01 17.12
CA SER A 395 -4.26 12.11 17.71
C SER A 395 -3.37 13.30 18.02
N ILE A 396 -2.22 13.08 18.64
CA ILE A 396 -1.27 14.15 18.87
C ILE A 396 -0.53 14.52 17.59
N ALA A 397 -0.61 13.68 16.57
CA ALA A 397 0.06 13.94 15.30
C ALA A 397 -0.56 15.09 14.52
N GLN A 398 -1.72 15.59 14.91
CA GLN A 398 -2.27 16.81 14.35
C GLN A 398 -2.29 17.94 15.35
N ILE A 399 -1.67 17.77 16.51
CA ILE A 399 -1.52 18.83 17.49
C ILE A 399 -0.10 19.38 17.51
N ILE A 400 0.89 18.49 17.49
CA ILE A 400 2.29 18.92 17.50
C ILE A 400 2.66 19.58 16.17
N VAL A 401 2.23 18.99 15.05
CA VAL A 401 2.61 19.53 13.75
C VAL A 401 1.78 20.78 13.46
N THR A 402 0.73 21.02 14.23
CA THR A 402 0.02 22.29 14.11
C THR A 402 0.70 23.39 14.90
N VAL A 403 1.05 23.13 16.17
CA VAL A 403 1.63 24.16 17.01
C VAL A 403 3.09 24.41 16.69
N VAL A 404 3.75 23.51 15.97
CA VAL A 404 5.11 23.78 15.52
C VAL A 404 5.02 24.68 14.30
N LEU A 405 4.07 24.37 13.41
CA LEU A 405 3.89 25.16 12.19
C LEU A 405 3.38 26.57 12.51
N GLY A 406 2.70 26.73 13.65
CA GLY A 406 2.35 28.06 14.10
C GLY A 406 3.56 28.88 14.50
N LEU A 407 4.57 28.24 15.10
CA LEU A 407 5.74 28.98 15.55
C LEU A 407 6.65 29.35 14.39
N VAL A 408 6.71 28.51 13.34
CA VAL A 408 7.54 28.84 12.19
C VAL A 408 6.97 30.04 11.45
N ILE A 409 5.65 30.06 11.24
CA ILE A 409 4.99 31.24 10.72
C ILE A 409 5.08 32.38 11.74
N GLY A 410 5.11 32.02 13.03
CA GLY A 410 5.34 33.01 14.06
C GLY A 410 6.77 33.52 14.10
N ALA A 411 7.70 32.89 13.40
CA ALA A 411 9.09 33.35 13.46
C ALA A 411 9.54 33.98 12.15
N ILE A 412 9.01 33.51 11.02
CA ILE A 412 9.31 34.13 9.74
C ILE A 412 8.67 35.50 9.73
N TYR A 413 7.35 35.52 9.85
CA TYR A 413 6.65 36.76 10.15
C TYR A 413 6.81 37.03 11.63
N PHE A 414 7.28 38.23 11.98
CA PHE A 414 7.31 38.65 13.38
C PHE A 414 7.27 40.16 13.40
N GLY A 415 6.12 40.72 13.76
CA GLY A 415 5.98 42.17 13.78
C GLY A 415 5.99 42.74 12.38
N LEU A 416 4.99 42.39 11.59
CA LEU A 416 4.86 42.95 10.25
C LEU A 416 4.46 44.41 10.34
N LYS A 417 5.16 45.26 9.61
CA LYS A 417 5.04 46.70 9.77
C LYS A 417 3.92 47.23 8.89
N ASN A 418 3.85 48.55 8.74
CA ASN A 418 2.88 49.20 7.88
C ASN A 418 3.55 50.00 6.75
N ASP A 419 4.69 49.53 6.29
CA ASP A 419 5.43 50.19 5.21
C ASP A 419 4.84 49.82 3.85
N SER A 420 5.61 50.08 2.78
CA SER A 420 5.18 49.76 1.43
C SER A 420 5.08 48.26 1.17
N THR A 421 5.75 47.44 1.97
CA THR A 421 5.74 45.99 1.82
C THR A 421 4.81 45.34 2.84
N GLY A 422 3.67 45.96 3.09
CA GLY A 422 2.73 45.42 4.05
C GLY A 422 1.54 44.77 3.39
N ILE A 423 1.24 45.16 2.15
CA ILE A 423 0.17 44.51 1.41
C ILE A 423 0.57 43.11 1.03
N GLN A 424 1.78 42.96 0.49
CA GLN A 424 2.28 41.65 0.10
C GLN A 424 2.54 40.77 1.33
N ASN A 425 2.86 41.40 2.46
CA ASN A 425 3.17 40.62 3.64
C ASN A 425 1.94 40.06 4.32
N ARG A 426 0.76 40.66 4.11
CA ARG A 426 -0.47 40.09 4.64
C ARG A 426 -1.20 39.27 3.60
N ALA A 427 -0.88 39.45 2.32
CA ALA A 427 -1.48 38.62 1.29
C ALA A 427 -0.91 37.21 1.35
N GLY A 428 0.33 37.05 1.82
CA GLY A 428 0.89 35.73 1.95
C GLY A 428 0.38 34.99 3.16
N VAL A 429 0.56 35.59 4.35
CA VAL A 429 0.26 34.92 5.61
C VAL A 429 -1.23 34.67 5.81
N LEU A 430 -2.10 35.36 5.07
CA LEU A 430 -3.50 34.99 5.09
C LEU A 430 -3.80 33.93 4.05
N PHE A 431 -2.98 33.84 3.00
CA PHE A 431 -3.16 32.77 2.04
C PHE A 431 -2.67 31.45 2.58
N PHE A 432 -1.64 31.49 3.43
CA PHE A 432 -1.07 30.25 3.94
C PHE A 432 -2.01 29.60 4.95
N LEU A 433 -2.73 30.39 5.72
CA LEU A 433 -3.61 29.80 6.74
C LEU A 433 -4.83 29.18 6.10
N THR A 434 -5.29 29.73 4.96
CA THR A 434 -6.45 29.14 4.31
C THR A 434 -6.07 27.86 3.57
N THR A 435 -4.95 27.86 2.85
CA THR A 435 -4.59 26.71 2.04
C THR A 435 -4.11 25.54 2.90
N ASN A 436 -3.48 25.82 4.04
CA ASN A 436 -3.07 24.74 4.93
C ASN A 436 -4.27 24.10 5.61
N GLN A 437 -5.36 24.86 5.76
CA GLN A 437 -6.57 24.25 6.28
C GLN A 437 -7.26 23.38 5.25
N CYS A 438 -6.90 23.52 3.98
CA CYS A 438 -7.45 22.65 2.96
C CYS A 438 -6.60 21.40 2.79
N PHE A 439 -5.30 21.57 2.52
CA PHE A 439 -4.47 20.45 2.09
C PHE A 439 -4.13 19.53 3.25
N SER A 440 -4.33 19.98 4.48
CA SER A 440 -4.09 19.10 5.63
C SER A 440 -5.38 18.41 6.04
N SER A 441 -6.37 18.45 5.15
CA SER A 441 -7.59 17.70 5.33
C SER A 441 -7.66 16.49 4.39
N VAL A 442 -6.50 16.03 3.90
CA VAL A 442 -6.48 14.77 3.18
C VAL A 442 -6.58 13.61 4.16
N SER A 443 -6.30 13.84 5.44
CA SER A 443 -6.30 12.78 6.42
C SER A 443 -7.69 12.51 6.99
N ALA A 444 -8.75 12.92 6.31
CA ALA A 444 -10.10 12.52 6.70
C ALA A 444 -10.62 11.38 5.85
N VAL A 445 -9.85 10.90 4.87
CA VAL A 445 -10.22 9.71 4.12
C VAL A 445 -10.18 8.46 5.00
N GLU A 446 -9.34 8.45 6.01
CA GLU A 446 -9.23 7.33 6.94
C GLU A 446 -10.26 7.37 8.05
N LEU A 447 -11.35 8.11 7.87
CA LEU A 447 -12.46 8.13 8.80
C LEU A 447 -13.51 7.09 8.48
N PHE A 448 -13.61 6.67 7.22
CA PHE A 448 -14.65 5.73 6.83
C PHE A 448 -14.08 4.52 6.10
N VAL A 449 -12.94 4.69 5.45
CA VAL A 449 -12.40 3.65 4.58
C VAL A 449 -11.44 2.72 5.33
N VAL A 450 -10.97 3.12 6.50
CA VAL A 450 -10.05 2.25 7.22
C VAL A 450 -10.81 1.16 7.97
N GLU A 451 -12.12 1.32 8.16
CA GLU A 451 -12.95 0.33 8.84
C GLU A 451 -14.26 0.11 8.08
N LYS A 452 -14.18 0.09 6.76
CA LYS A 452 -15.34 -0.20 5.93
C LYS A 452 -15.78 -1.66 6.08
N LYS A 453 -14.81 -2.54 6.35
CA LYS A 453 -15.16 -3.94 6.58
C LYS A 453 -15.89 -4.14 7.89
N LEU A 454 -15.67 -3.24 8.86
CA LEU A 454 -16.40 -3.33 10.12
C LEU A 454 -17.83 -2.85 9.95
N PHE A 455 -18.05 -1.86 9.09
CA PHE A 455 -19.37 -1.24 9.00
C PHE A 455 -20.39 -2.16 8.32
N ILE A 456 -19.98 -2.84 7.24
CA ILE A 456 -20.93 -3.63 6.47
C ILE A 456 -21.36 -4.85 7.27
N HIS A 457 -20.46 -5.40 8.08
CA HIS A 457 -20.81 -6.55 8.91
C HIS A 457 -21.77 -6.15 10.02
N GLU A 458 -21.67 -4.92 10.50
CA GLU A 458 -22.52 -4.52 11.63
C GLU A 458 -23.92 -4.18 11.17
N TYR A 459 -24.05 -3.47 10.05
CA TYR A 459 -25.37 -3.06 9.59
C TYR A 459 -26.17 -4.24 9.08
N ILE A 460 -25.51 -5.24 8.50
CA ILE A 460 -26.24 -6.42 8.09
C ILE A 460 -26.65 -7.28 9.29
N SER A 461 -25.98 -7.13 10.43
CA SER A 461 -26.37 -7.86 11.63
C SER A 461 -27.38 -7.10 12.48
N GLY A 462 -27.81 -5.92 12.04
CA GLY A 462 -28.87 -5.22 12.70
C GLY A 462 -28.51 -4.58 14.02
N TYR A 463 -27.27 -4.09 14.15
CA TYR A 463 -26.90 -3.37 15.37
C TYR A 463 -27.58 -2.01 15.42
N TYR A 464 -27.30 -1.16 14.43
CA TYR A 464 -27.77 0.22 14.41
C TYR A 464 -28.16 0.62 12.99
N ARG A 465 -28.96 1.68 12.91
CA ARG A 465 -29.37 2.23 11.63
C ARG A 465 -28.21 2.99 10.99
N VAL A 466 -28.36 3.29 9.70
CA VAL A 466 -27.27 3.93 8.96
C VAL A 466 -27.11 5.38 9.38
N SER A 467 -28.23 6.07 9.58
CA SER A 467 -28.18 7.48 9.99
C SER A 467 -27.67 7.64 11.41
N SER A 468 -27.81 6.62 12.25
CA SER A 468 -27.24 6.70 13.58
C SER A 468 -25.74 6.53 13.56
N TYR A 469 -25.21 5.78 12.59
CA TYR A 469 -23.76 5.72 12.45
C TYR A 469 -23.22 7.04 11.92
N PHE A 470 -23.88 7.61 10.93
CA PHE A 470 -23.32 8.76 10.23
C PHE A 470 -23.49 10.04 11.02
N LEU A 471 -24.54 10.15 11.83
CA LEU A 471 -24.69 11.32 12.67
C LEU A 471 -23.88 11.20 13.95
N GLY A 472 -23.41 10.00 14.26
CA GLY A 472 -22.68 9.79 15.49
C GLY A 472 -21.19 9.72 15.30
N LYS A 473 -20.74 9.31 14.11
CA LYS A 473 -19.30 9.17 13.90
C LYS A 473 -18.62 10.51 13.76
N LEU A 474 -19.14 11.38 12.89
CA LEU A 474 -18.51 12.68 12.69
C LEU A 474 -18.75 13.61 13.88
N LEU A 475 -19.76 13.32 14.70
CA LEU A 475 -20.00 14.12 15.90
C LEU A 475 -19.02 13.78 17.02
N SER A 476 -18.28 12.69 16.88
CA SER A 476 -17.39 12.24 17.94
C SER A 476 -15.91 12.34 17.58
N ASP A 477 -15.56 12.21 16.31
CA ASP A 477 -14.17 12.25 15.88
C ASP A 477 -13.85 13.38 14.93
N LEU A 478 -14.73 13.65 13.95
CA LEU A 478 -14.46 14.69 12.98
C LEU A 478 -14.60 16.09 13.58
N LEU A 479 -15.55 16.29 14.50
CA LEU A 479 -15.67 17.62 15.13
C LEU A 479 -14.52 17.94 16.09
N PRO A 480 -14.27 17.19 17.16
CA PRO A 480 -13.26 17.65 18.12
C PRO A 480 -11.83 17.34 17.73
N MET A 481 -11.56 16.98 16.48
CA MET A 481 -10.20 16.91 15.96
C MET A 481 -9.97 17.86 14.78
N ARG A 482 -11.02 18.46 14.23
CA ARG A 482 -10.88 19.52 13.26
C ARG A 482 -11.42 20.84 13.75
N MET A 483 -11.56 21.02 15.07
CA MET A 483 -11.92 22.30 15.66
C MET A 483 -10.83 22.83 16.57
N LEU A 484 -10.39 22.01 17.52
CA LEU A 484 -9.28 22.41 18.38
C LEU A 484 -7.95 22.61 17.65
N PRO A 485 -7.59 21.87 16.59
CA PRO A 485 -6.44 22.28 15.78
C PRO A 485 -6.68 23.47 14.86
N SER A 486 -7.82 24.16 14.97
CA SER A 486 -7.98 25.45 14.33
C SER A 486 -7.80 26.59 15.31
N ILE A 487 -8.32 26.47 16.53
CA ILE A 487 -8.24 27.58 17.46
C ILE A 487 -6.87 27.67 18.12
N ILE A 488 -6.08 26.59 18.09
CA ILE A 488 -4.71 26.70 18.56
C ILE A 488 -3.86 27.35 17.48
N PHE A 489 -4.32 27.26 16.24
CA PHE A 489 -3.52 27.72 15.11
C PHE A 489 -3.84 29.16 14.76
N THR A 490 -4.79 29.77 15.46
CA THR A 490 -5.00 31.20 15.35
C THR A 490 -4.75 31.96 16.65
N CYS A 491 -4.67 31.27 17.78
CA CYS A 491 -4.35 31.94 19.03
C CYS A 491 -2.85 32.20 19.15
N ILE A 492 -2.03 31.28 18.65
CA ILE A 492 -0.59 31.48 18.64
C ILE A 492 -0.15 32.55 17.65
N VAL A 493 -0.75 32.59 16.47
CA VAL A 493 -0.23 33.43 15.40
C VAL A 493 -0.72 34.88 15.49
N TYR A 494 -1.88 35.13 16.10
CA TYR A 494 -2.53 36.44 15.96
C TYR A 494 -1.76 37.54 16.68
N PHE A 495 -1.35 37.31 17.91
CA PHE A 495 -0.63 38.34 18.62
C PHE A 495 0.87 38.30 18.37
N MET A 496 1.32 37.46 17.45
CA MET A 496 2.72 37.50 17.03
C MET A 496 2.88 38.30 15.74
N LEU A 497 1.86 38.32 14.89
CA LEU A 497 1.97 39.08 13.65
C LEU A 497 1.77 40.57 13.90
N GLY A 498 0.70 40.92 14.60
CA GLY A 498 0.35 42.32 14.76
C GLY A 498 -0.82 42.74 13.88
N LEU A 499 -1.87 41.92 13.85
CA LEU A 499 -3.05 42.22 13.03
C LEU A 499 -3.93 43.23 13.75
N LYS A 500 -5.17 43.36 13.29
CA LYS A 500 -6.13 44.28 13.89
C LYS A 500 -6.47 43.83 15.30
N PRO A 501 -6.08 44.57 16.33
CA PRO A 501 -6.16 44.04 17.69
C PRO A 501 -7.48 44.32 18.40
N LYS A 502 -8.60 43.98 17.76
CA LYS A 502 -9.90 44.16 18.39
C LYS A 502 -10.29 42.86 19.11
N ALA A 503 -11.55 42.74 19.49
CA ALA A 503 -12.05 41.56 20.16
C ALA A 503 -13.03 40.78 19.28
N ASP A 504 -13.85 41.49 18.51
CA ASP A 504 -14.78 40.81 17.61
C ASP A 504 -14.11 40.47 16.29
N ALA A 505 -13.12 41.24 15.86
CA ALA A 505 -12.43 40.92 14.62
C ALA A 505 -11.39 39.82 14.79
N PHE A 506 -11.10 39.42 16.03
CA PHE A 506 -10.26 38.27 16.30
C PHE A 506 -11.08 37.01 16.47
N PHE A 507 -12.34 37.13 16.86
CA PHE A 507 -13.23 35.99 16.94
C PHE A 507 -13.89 35.65 15.61
N VAL A 508 -13.53 36.36 14.54
CA VAL A 508 -14.02 36.01 13.21
C VAL A 508 -12.97 35.18 12.47
N MET A 509 -11.70 35.58 12.59
CA MET A 509 -10.60 34.78 12.07
C MET A 509 -10.51 33.42 12.75
N MET A 510 -10.87 33.34 14.03
CA MET A 510 -11.01 32.02 14.64
C MET A 510 -12.22 31.28 14.10
N PHE A 511 -13.27 32.00 13.72
CA PHE A 511 -14.47 31.35 13.22
C PHE A 511 -14.34 30.88 11.79
N THR A 512 -13.61 31.61 10.95
CA THR A 512 -13.54 31.23 9.54
C THR A 512 -12.65 30.02 9.33
N LEU A 513 -11.56 29.91 10.09
CA LEU A 513 -10.72 28.72 10.01
C LEU A 513 -11.43 27.47 10.50
N MET A 514 -12.24 27.56 11.54
CA MET A 514 -13.02 26.42 12.00
C MET A 514 -14.30 26.23 11.20
N MET A 515 -14.50 27.03 10.15
CA MET A 515 -15.58 26.77 9.21
C MET A 515 -15.06 26.28 7.87
N VAL A 516 -13.89 26.76 7.45
CA VAL A 516 -13.35 26.28 6.19
C VAL A 516 -12.75 24.89 6.37
N ALA A 517 -12.30 24.55 7.58
CA ALA A 517 -11.73 23.23 7.81
C ALA A 517 -12.81 22.16 7.84
N TYR A 518 -14.03 22.54 8.20
CA TYR A 518 -15.14 21.61 8.05
C TYR A 518 -15.53 21.50 6.59
N SER A 519 -15.61 22.62 5.88
CA SER A 519 -16.05 22.57 4.50
C SER A 519 -14.94 22.12 3.57
N ALA A 520 -13.73 21.94 4.07
CA ALA A 520 -12.75 21.18 3.33
C ALA A 520 -12.86 19.70 3.65
N SER A 521 -13.07 19.37 4.92
CA SER A 521 -13.18 17.96 5.29
C SER A 521 -14.49 17.35 4.83
N SER A 522 -15.53 18.17 4.65
CA SER A 522 -16.79 17.62 4.16
C SER A 522 -16.70 17.28 2.69
N MET A 523 -15.75 17.86 1.97
CA MET A 523 -15.49 17.41 0.61
C MET A 523 -14.78 16.06 0.61
N ALA A 524 -13.82 15.89 1.52
CA ALA A 524 -13.08 14.63 1.56
C ALA A 524 -13.93 13.48 2.05
N LEU A 525 -14.95 13.77 2.86
CA LEU A 525 -15.84 12.71 3.31
C LEU A 525 -16.73 12.21 2.19
N ALA A 526 -16.98 13.04 1.19
CA ALA A 526 -17.95 12.67 0.16
C ALA A 526 -17.35 11.76 -0.90
N ILE A 527 -16.10 11.96 -1.28
CA ILE A 527 -15.53 11.21 -2.38
C ILE A 527 -14.72 10.04 -1.86
N ALA A 528 -14.95 9.67 -0.60
CA ALA A 528 -14.18 8.57 -0.02
C ALA A 528 -15.08 7.46 0.52
N ALA A 529 -16.16 7.83 1.18
CA ALA A 529 -17.00 6.88 1.91
C ALA A 529 -17.70 5.91 0.97
N GLY A 530 -17.40 4.63 1.12
CA GLY A 530 -17.93 3.63 0.22
C GLY A 530 -16.90 3.17 -0.78
N GLN A 531 -15.67 2.95 -0.31
CA GLN A 531 -14.60 2.44 -1.15
C GLN A 531 -13.80 1.40 -0.37
N SER A 532 -12.65 0.99 -0.91
CA SER A 532 -11.86 -0.01 -0.23
C SER A 532 -10.39 0.38 -0.16
N VAL A 533 -9.96 1.28 -1.05
CA VAL A 533 -8.59 1.75 -1.04
C VAL A 533 -8.57 3.27 -0.91
N VAL A 534 -7.40 3.84 -0.67
CA VAL A 534 -7.28 5.27 -0.44
C VAL A 534 -6.42 5.92 -1.50
N SER A 535 -5.68 5.11 -2.26
CA SER A 535 -4.74 5.65 -3.23
C SER A 535 -5.40 6.05 -4.54
N VAL A 536 -6.72 5.99 -4.60
CA VAL A 536 -7.48 6.57 -5.70
C VAL A 536 -8.35 7.72 -5.21
N ALA A 537 -8.44 7.91 -3.90
CA ALA A 537 -9.13 9.06 -3.34
C ALA A 537 -8.21 10.04 -2.64
N THR A 538 -6.90 9.90 -2.81
CA THR A 538 -5.93 10.92 -2.44
C THR A 538 -5.32 11.60 -3.65
N LEU A 539 -4.97 10.83 -4.67
CA LEU A 539 -4.54 11.41 -5.94
C LEU A 539 -5.69 12.11 -6.64
N LEU A 540 -6.94 11.73 -6.37
CA LEU A 540 -8.07 12.44 -6.95
C LEU A 540 -8.42 13.70 -6.18
N MET A 541 -8.28 13.70 -4.86
CA MET A 541 -8.67 14.86 -4.09
C MET A 541 -7.68 16.02 -4.21
N THR A 542 -6.38 15.76 -4.13
CA THR A 542 -5.43 16.87 -4.21
C THR A 542 -5.25 17.36 -5.63
N ILE A 543 -5.64 16.56 -6.64
CA ILE A 543 -5.66 17.10 -8.00
C ILE A 543 -6.87 17.98 -8.23
N CYS A 544 -7.84 17.95 -7.33
CA CYS A 544 -8.98 18.86 -7.40
C CYS A 544 -8.87 19.97 -6.36
N PHE A 545 -8.01 19.80 -5.37
CA PHE A 545 -7.70 20.89 -4.47
C PHE A 545 -6.64 21.83 -5.00
N VAL A 546 -6.05 21.53 -6.16
CA VAL A 546 -5.14 22.49 -6.78
C VAL A 546 -5.89 23.39 -7.75
N PHE A 547 -6.93 22.88 -8.39
CA PHE A 547 -7.79 23.71 -9.23
C PHE A 547 -8.66 24.64 -8.41
N MET A 548 -8.77 24.41 -7.11
CA MET A 548 -9.36 25.39 -6.21
C MET A 548 -8.35 26.40 -5.73
N MET A 549 -7.05 26.05 -5.77
CA MET A 549 -6.05 26.99 -5.28
C MET A 549 -5.75 28.08 -6.29
N ILE A 550 -6.11 27.88 -7.55
CA ILE A 550 -5.84 28.91 -8.56
C ILE A 550 -6.81 30.07 -8.39
N PHE A 551 -8.11 29.80 -8.45
CA PHE A 551 -9.12 30.84 -8.28
C PHE A 551 -9.21 31.18 -6.79
N SER A 552 -8.27 31.99 -6.33
CA SER A 552 -8.25 32.31 -4.90
C SER A 552 -7.98 33.77 -4.63
N GLY A 553 -8.06 34.64 -5.64
CA GLY A 553 -7.84 36.04 -5.44
C GLY A 553 -6.42 36.46 -5.17
N LEU A 554 -5.45 35.58 -5.35
CA LEU A 554 -4.04 35.95 -5.23
C LEU A 554 -3.25 35.70 -6.49
N LEU A 555 -3.38 34.53 -7.10
CA LEU A 555 -2.58 34.20 -8.27
C LEU A 555 -3.25 34.59 -9.58
N VAL A 556 -4.48 35.10 -9.53
CA VAL A 556 -5.27 35.35 -10.72
C VAL A 556 -5.72 36.80 -10.83
N ASN A 557 -6.14 37.40 -9.71
CA ASN A 557 -6.89 38.66 -9.65
C ASN A 557 -8.19 38.56 -10.45
N LEU A 558 -9.12 37.80 -9.87
CA LEU A 558 -10.36 37.24 -10.40
C LEU A 558 -11.13 38.09 -11.41
N THR A 559 -11.24 39.39 -11.17
CA THR A 559 -12.01 40.23 -12.09
C THR A 559 -11.19 40.62 -13.31
N THR A 560 -10.61 39.64 -13.98
CA THR A 560 -9.92 39.84 -15.26
C THR A 560 -10.25 38.77 -16.28
N ILE A 561 -10.66 37.57 -15.87
CA ILE A 561 -11.16 36.58 -16.82
C ILE A 561 -12.53 37.01 -17.28
N ALA A 562 -12.74 37.04 -18.59
CA ALA A 562 -13.89 37.74 -19.15
C ALA A 562 -15.25 37.15 -18.85
N SER A 563 -15.62 36.05 -19.50
CA SER A 563 -16.96 35.51 -19.35
C SER A 563 -16.98 34.05 -18.92
N TRP A 564 -16.33 33.17 -19.68
CA TRP A 564 -16.63 31.75 -19.65
C TRP A 564 -15.72 30.97 -18.70
N LEU A 565 -14.91 31.66 -17.91
CA LEU A 565 -14.20 31.00 -16.85
C LEU A 565 -14.31 31.77 -15.53
N SER A 566 -15.37 32.57 -15.38
CA SER A 566 -15.74 33.10 -14.08
C SER A 566 -16.90 32.35 -13.46
N TRP A 567 -17.41 31.32 -14.13
CA TRP A 567 -18.45 30.48 -13.58
C TRP A 567 -17.90 29.21 -12.94
N LEU A 568 -16.60 28.98 -13.01
CA LEU A 568 -15.93 28.02 -12.15
C LEU A 568 -15.44 28.65 -10.87
N GLN A 569 -15.66 29.96 -10.72
CA GLN A 569 -15.12 30.72 -9.61
C GLN A 569 -15.88 30.46 -8.32
N TYR A 570 -17.13 30.01 -8.40
CA TYR A 570 -17.92 29.76 -7.20
C TYR A 570 -17.80 28.35 -6.65
N PHE A 571 -17.09 27.47 -7.34
CA PHE A 571 -16.97 26.07 -6.92
C PHE A 571 -15.73 25.81 -6.07
N SER A 572 -15.00 26.85 -5.67
CA SER A 572 -13.71 26.66 -5.01
C SER A 572 -13.82 27.03 -3.54
N ILE A 573 -13.62 26.03 -2.68
CA ILE A 573 -13.72 26.15 -1.23
C ILE A 573 -12.75 27.18 -0.63
N PRO A 574 -11.44 27.23 -0.93
CA PRO A 574 -10.61 28.23 -0.28
C PRO A 574 -10.76 29.65 -0.80
N ARG A 575 -11.74 29.93 -1.66
CA ARG A 575 -12.07 31.32 -1.96
C ARG A 575 -12.75 31.97 -0.77
N TYR A 576 -13.83 31.34 -0.28
CA TYR A 576 -14.73 32.00 0.65
C TYR A 576 -14.08 32.19 2.01
N GLY A 577 -13.11 31.35 2.35
CA GLY A 577 -12.33 31.59 3.53
C GLY A 577 -11.35 32.72 3.33
N PHE A 578 -10.78 32.81 2.14
CA PHE A 578 -9.75 33.82 1.90
C PHE A 578 -10.36 35.21 1.75
N THR A 579 -11.60 35.29 1.27
CA THR A 579 -12.26 36.58 1.14
C THR A 579 -12.66 37.12 2.51
N ALA A 580 -13.26 36.28 3.34
CA ALA A 580 -13.68 36.73 4.67
C ALA A 580 -12.50 37.02 5.57
N LEU A 581 -11.36 36.39 5.32
CA LEU A 581 -10.17 36.76 6.07
C LEU A 581 -9.59 38.08 5.60
N GLN A 582 -9.72 38.42 4.32
CA GLN A 582 -9.28 39.72 3.83
C GLN A 582 -10.30 40.82 4.06
N HIS A 583 -11.53 40.49 4.44
CA HIS A 583 -12.50 41.56 4.63
C HIS A 583 -12.27 42.27 5.96
N ASN A 584 -12.12 41.53 7.04
CA ASN A 584 -11.89 42.17 8.33
C ASN A 584 -10.42 42.46 8.61
N GLU A 585 -9.57 42.46 7.58
CA GLU A 585 -8.16 42.73 7.78
C GLU A 585 -7.69 44.05 7.21
N PHE A 586 -8.10 44.40 6.00
CA PHE A 586 -7.68 45.66 5.39
C PHE A 586 -8.75 46.73 5.46
N LEU A 587 -9.52 46.79 6.55
CA LEU A 587 -10.52 47.84 6.72
C LEU A 587 -9.98 48.86 7.71
N GLY A 588 -9.83 50.09 7.27
CA GLY A 588 -9.37 51.17 8.12
C GLY A 588 -7.89 51.21 8.41
N GLN A 589 -7.05 50.85 7.46
CA GLN A 589 -5.60 50.86 7.65
C GLN A 589 -4.94 51.58 6.49
N ASN A 590 -3.67 51.94 6.68
CA ASN A 590 -2.92 52.70 5.69
C ASN A 590 -1.56 52.07 5.50
N PHE A 591 -0.99 52.28 4.32
CA PHE A 591 0.32 51.71 4.00
C PHE A 591 1.23 52.73 3.34
N CYS A 592 0.93 54.01 3.51
CA CYS A 592 1.78 55.05 2.96
C CYS A 592 2.19 56.05 4.05
N PRO A 593 3.05 55.66 5.00
CA PRO A 593 3.39 56.55 6.11
C PRO A 593 4.39 57.63 5.67
N GLY A 594 4.12 58.87 6.08
CA GLY A 594 4.83 60.04 5.60
C GLY A 594 3.97 60.95 4.76
N LEU A 595 2.85 60.45 4.25
CA LEU A 595 1.86 61.23 3.53
C LEU A 595 0.49 60.89 4.10
N ASN A 596 -0.53 61.63 3.66
CA ASN A 596 -1.89 61.43 4.16
C ASN A 596 -2.87 61.47 3.00
N ALA A 597 -3.74 60.47 2.95
CA ALA A 597 -4.75 60.35 1.91
C ALA A 597 -6.09 59.91 2.52
N THR A 598 -6.47 60.56 3.63
CA THR A 598 -7.73 60.24 4.28
C THR A 598 -8.92 60.70 3.44
N GLY A 599 -8.91 61.96 3.04
CA GLY A 599 -9.93 62.46 2.14
C GLY A 599 -9.31 63.21 0.97
N ASN A 600 -8.02 63.51 1.08
CA ASN A 600 -7.27 64.19 0.03
C ASN A 600 -6.34 63.17 -0.63
N ASN A 601 -6.79 62.59 -1.75
CA ASN A 601 -6.08 61.49 -2.40
C ASN A 601 -5.71 61.93 -3.81
N PRO A 602 -4.52 62.48 -4.00
CA PRO A 602 -3.97 62.60 -5.36
C PRO A 602 -3.23 61.34 -5.75
N CYS A 603 -2.49 61.40 -6.87
CA CYS A 603 -1.40 60.47 -7.21
C CYS A 603 -1.88 59.01 -7.28
N ASN A 604 -2.75 58.77 -8.27
CA ASN A 604 -3.30 57.43 -8.49
C ASN A 604 -2.21 56.44 -8.94
N TYR A 605 -2.64 55.19 -9.07
CA TYR A 605 -1.78 54.00 -9.09
C TYR A 605 -0.87 53.99 -7.86
N ALA A 606 -1.52 54.08 -6.69
CA ALA A 606 -0.82 54.16 -5.41
C ALA A 606 -1.05 52.95 -4.53
N THR A 607 -2.32 52.63 -4.24
CA THR A 607 -2.75 51.53 -3.37
C THR A 607 -2.12 51.63 -1.98
N CYS A 608 -2.30 52.78 -1.34
CA CYS A 608 -1.66 52.96 -0.03
C CYS A 608 -2.67 53.01 1.11
N THR A 609 -3.95 53.11 0.81
CA THR A 609 -4.97 52.92 1.83
C THR A 609 -5.63 51.56 1.64
N GLY A 610 -6.32 51.09 2.67
CA GLY A 610 -6.85 49.75 2.65
C GLY A 610 -8.05 49.56 1.74
N GLU A 611 -9.01 50.49 1.79
CA GLU A 611 -10.31 50.28 1.18
C GLU A 611 -10.29 50.33 -0.34
N GLU A 612 -9.20 50.79 -0.95
CA GLU A 612 -9.11 50.71 -2.40
C GLU A 612 -8.48 49.40 -2.84
N TYR A 613 -7.83 48.69 -1.93
CA TYR A 613 -7.21 47.42 -2.30
C TYR A 613 -8.25 46.34 -2.51
N LEU A 614 -9.31 46.37 -1.70
CA LEU A 614 -10.35 45.36 -1.82
C LEU A 614 -11.22 45.60 -3.06
N VAL A 615 -11.30 46.86 -3.49
CA VAL A 615 -12.05 47.18 -4.70
C VAL A 615 -11.37 46.57 -5.91
N LYS A 616 -10.04 46.62 -5.94
CA LYS A 616 -9.27 46.05 -7.03
C LYS A 616 -9.33 44.52 -7.06
N GLN A 617 -9.54 43.86 -5.93
CA GLN A 617 -9.65 42.41 -5.89
C GLN A 617 -11.09 41.94 -6.01
N GLY A 618 -12.02 42.85 -6.29
CA GLY A 618 -13.38 42.47 -6.65
C GLY A 618 -14.20 41.87 -5.53
N ILE A 619 -14.06 42.38 -4.32
CA ILE A 619 -14.83 41.90 -3.17
C ILE A 619 -15.57 43.10 -2.61
N ASP A 620 -16.76 42.86 -2.07
CA ASP A 620 -17.67 43.97 -1.75
C ASP A 620 -17.24 44.67 -0.48
N LEU A 621 -17.39 46.00 -0.48
CA LEU A 621 -17.13 46.81 0.70
C LEU A 621 -18.46 47.12 1.38
N SER A 622 -18.96 46.12 2.11
CA SER A 622 -20.23 46.20 2.82
C SER A 622 -20.27 45.07 3.82
N PRO A 623 -20.86 45.27 5.00
CA PRO A 623 -20.86 44.22 6.03
C PRO A 623 -21.71 43.01 5.69
N TRP A 624 -22.58 43.08 4.69
CA TRP A 624 -23.22 41.87 4.19
C TRP A 624 -22.22 41.00 3.43
N GLY A 625 -21.32 41.62 2.66
CA GLY A 625 -20.34 40.91 1.87
C GLY A 625 -19.32 40.13 2.68
N LEU A 626 -19.16 40.45 3.96
CA LEU A 626 -18.36 39.61 4.84
C LEU A 626 -19.09 38.32 5.15
N TRP A 627 -20.34 38.43 5.60
CA TRP A 627 -21.11 37.26 5.98
C TRP A 627 -21.72 36.50 4.80
N LYS A 628 -21.48 36.95 3.57
CA LYS A 628 -21.98 36.21 2.42
C LYS A 628 -21.22 34.91 2.24
N ASN A 629 -19.94 34.90 2.60
CA ASN A 629 -19.16 33.68 2.45
C ASN A 629 -19.54 32.65 3.50
N HIS A 630 -19.82 33.09 4.73
CA HIS A 630 -20.07 32.15 5.81
C HIS A 630 -21.44 31.51 5.70
N VAL A 631 -22.32 32.06 4.85
CA VAL A 631 -23.57 31.36 4.58
C VAL A 631 -23.41 30.48 3.36
N ALA A 632 -22.34 30.70 2.58
CA ALA A 632 -22.08 29.81 1.46
C ALA A 632 -21.43 28.52 1.91
N LEU A 633 -20.48 28.60 2.85
CA LEU A 633 -19.82 27.40 3.36
C LEU A 633 -20.79 26.54 4.15
N ALA A 634 -21.77 27.16 4.79
CA ALA A 634 -22.80 26.39 5.48
C ALA A 634 -23.65 25.61 4.48
N CYS A 635 -23.93 26.20 3.32
CA CYS A 635 -24.62 25.44 2.28
C CYS A 635 -23.67 24.53 1.52
N MET A 636 -22.36 24.74 1.64
CA MET A 636 -21.42 23.81 1.03
C MET A 636 -21.21 22.58 1.92
N ILE A 637 -21.47 22.72 3.21
CA ILE A 637 -21.31 21.59 4.13
C ILE A 637 -22.50 20.64 4.01
N VAL A 638 -23.72 21.19 3.97
CA VAL A 638 -24.93 20.39 4.01
C VAL A 638 -25.10 19.63 2.69
N ILE A 639 -24.66 20.22 1.58
CA ILE A 639 -24.69 19.53 0.30
C ILE A 639 -23.71 18.36 0.30
N PHE A 640 -22.48 18.60 0.76
CA PHE A 640 -21.46 17.56 0.71
C PHE A 640 -21.71 16.47 1.76
N LEU A 641 -22.19 16.83 2.94
CA LEU A 641 -22.44 15.82 3.96
C LEU A 641 -23.65 14.96 3.63
N THR A 642 -24.58 15.47 2.83
CA THR A 642 -25.72 14.65 2.45
C THR A 642 -25.33 13.58 1.45
N ILE A 643 -24.56 13.94 0.41
CA ILE A 643 -24.15 12.96 -0.59
C ILE A 643 -23.11 11.98 -0.07
N ALA A 644 -22.56 12.20 1.12
CA ALA A 644 -21.92 11.10 1.82
C ALA A 644 -22.96 10.15 2.36
N TYR A 645 -23.91 10.68 3.13
CA TYR A 645 -24.98 9.88 3.74
C TYR A 645 -25.92 9.32 2.68
N LEU A 646 -26.03 9.98 1.53
CA LEU A 646 -26.83 9.42 0.45
C LEU A 646 -26.16 8.20 -0.16
N LYS A 647 -24.83 8.11 -0.08
CA LYS A 647 -24.17 6.97 -0.66
C LYS A 647 -23.79 5.91 0.36
N LEU A 648 -23.92 6.20 1.65
CA LEU A 648 -23.79 5.12 2.63
C LEU A 648 -25.02 4.22 2.65
N LEU A 649 -26.18 4.75 2.24
CA LEU A 649 -27.37 3.91 2.11
C LEU A 649 -27.24 2.96 0.92
N PHE A 650 -26.95 3.52 -0.25
CA PHE A 650 -26.95 2.75 -1.49
C PHE A 650 -25.58 2.13 -1.77
N LEU A 651 -25.24 1.11 -1.00
CA LEU A 651 -23.99 0.38 -1.15
C LEU A 651 -24.32 -1.11 -1.13
N LYS A 652 -23.41 -1.93 -1.65
CA LYS A 652 -23.65 -3.37 -1.69
C LYS A 652 -23.41 -3.98 -0.31
N LYS A 653 -24.48 -4.14 0.46
CA LYS A 653 -24.38 -4.67 1.81
C LYS A 653 -24.45 -6.19 1.81
N TYR A 654 -23.61 -6.85 1.02
CA TYR A 654 -23.69 -8.31 0.88
C TYR A 654 -22.31 -8.91 0.65
N ALA B 35 30.94 -31.62 -9.44
CA ALA B 35 30.63 -30.61 -8.44
C ALA B 35 29.89 -31.21 -7.26
N VAL B 36 30.51 -31.15 -6.08
CA VAL B 36 29.93 -31.74 -4.88
C VAL B 36 30.14 -30.77 -3.71
N LEU B 37 29.05 -30.47 -3.02
CA LEU B 37 29.08 -29.60 -1.86
C LEU B 37 29.25 -30.44 -0.59
N SER B 38 29.84 -29.81 0.42
CA SER B 38 29.99 -30.43 1.73
C SER B 38 30.17 -29.33 2.76
N PHE B 39 29.55 -29.53 3.91
CA PHE B 39 29.66 -28.55 4.99
C PHE B 39 29.63 -29.29 6.31
N HIS B 40 30.48 -28.84 7.22
CA HIS B 40 30.63 -29.51 8.51
C HIS B 40 30.62 -28.46 9.60
N ASN B 41 29.67 -28.60 10.54
CA ASN B 41 29.56 -27.80 11.76
C ASN B 41 29.40 -26.31 11.45
N ILE B 42 28.29 -25.99 10.80
CA ILE B 42 27.98 -24.60 10.44
C ILE B 42 27.27 -23.95 11.63
N CYS B 43 27.67 -22.72 11.95
CA CYS B 43 26.95 -21.90 12.92
C CYS B 43 26.77 -20.50 12.36
N TYR B 44 25.70 -19.83 12.78
CA TYR B 44 25.34 -18.54 12.20
C TYR B 44 24.58 -17.71 13.22
N ARG B 45 25.05 -16.49 13.46
CA ARG B 45 24.38 -15.52 14.31
C ARG B 45 24.13 -14.23 13.53
N VAL B 46 22.96 -13.64 13.76
CA VAL B 46 22.63 -12.36 13.14
C VAL B 46 23.47 -11.25 13.73
N LYS B 61 21.30 -13.38 18.86
CA LYS B 61 20.74 -14.73 18.93
C LYS B 61 21.16 -15.58 17.75
N GLU B 62 21.76 -16.73 18.03
CA GLU B 62 22.09 -17.70 16.99
C GLU B 62 20.83 -18.37 16.49
N ILE B 63 20.44 -18.06 15.26
CA ILE B 63 19.34 -18.75 14.60
C ILE B 63 19.67 -20.21 14.34
N LEU B 64 20.84 -20.47 13.78
CA LEU B 64 21.23 -21.77 13.30
C LEU B 64 22.17 -22.44 14.29
N SER B 65 22.39 -23.74 14.12
CA SER B 65 23.33 -24.49 14.95
C SER B 65 23.94 -25.58 14.08
N ASN B 66 24.57 -26.56 14.73
CA ASN B 66 25.46 -27.49 14.05
C ASN B 66 24.71 -28.39 13.07
N ILE B 67 25.10 -28.31 11.80
CA ILE B 67 24.53 -29.13 10.75
C ILE B 67 25.68 -29.80 10.01
N ASN B 68 25.46 -31.02 9.54
CA ASN B 68 26.55 -31.90 9.13
C ASN B 68 26.31 -32.54 7.77
N GLY B 69 25.57 -31.86 6.89
CA GLY B 69 25.11 -32.49 5.67
C GLY B 69 26.14 -32.46 4.56
N ILE B 70 26.02 -33.45 3.66
CA ILE B 70 26.79 -33.51 2.43
C ILE B 70 25.80 -33.48 1.27
N MET B 71 26.14 -32.72 0.23
CA MET B 71 25.25 -32.51 -0.92
C MET B 71 25.89 -33.13 -2.15
N LYS B 72 25.27 -34.19 -2.66
CA LYS B 72 25.81 -34.95 -3.78
C LYS B 72 25.24 -34.43 -5.09
N PRO B 73 25.99 -34.55 -6.20
CA PRO B 73 25.41 -34.28 -7.52
C PRO B 73 24.28 -35.24 -7.85
N GLY B 74 23.28 -34.73 -8.55
CA GLY B 74 22.01 -35.42 -8.69
C GLY B 74 20.88 -34.41 -8.74
N LEU B 75 19.93 -34.52 -7.81
CA LEU B 75 18.90 -33.49 -7.64
C LEU B 75 18.50 -33.50 -6.16
N ASN B 76 19.07 -32.57 -5.40
CA ASN B 76 18.87 -32.51 -3.96
C ASN B 76 17.59 -31.73 -3.63
N ALA B 77 17.37 -31.52 -2.34
CA ALA B 77 16.23 -30.76 -1.86
C ALA B 77 16.50 -30.27 -0.45
N ILE B 78 15.66 -29.33 0.00
CA ILE B 78 15.67 -28.83 1.37
C ILE B 78 14.21 -28.74 1.81
N LEU B 79 13.87 -29.39 2.91
CA LEU B 79 12.49 -29.44 3.36
C LEU B 79 12.34 -28.74 4.71
N GLY B 80 11.08 -28.51 5.10
CA GLY B 80 10.79 -28.00 6.41
C GLY B 80 9.73 -26.91 6.45
N PRO B 81 9.49 -26.36 7.63
CA PRO B 81 8.56 -25.24 7.74
C PRO B 81 9.25 -23.91 7.46
N THR B 82 8.44 -22.89 7.17
CA THR B 82 8.99 -21.60 6.75
C THR B 82 9.65 -20.85 7.89
N GLY B 83 9.19 -21.05 9.13
CA GLY B 83 9.82 -20.42 10.25
C GLY B 83 11.16 -21.02 10.63
N GLY B 84 11.46 -22.21 10.12
CA GLY B 84 12.70 -22.88 10.44
C GLY B 84 13.88 -22.39 9.61
N GLY B 85 14.67 -23.32 9.11
CA GLY B 85 15.87 -22.95 8.38
C GLY B 85 15.93 -23.45 6.96
N LYS B 86 14.79 -23.65 6.31
CA LYS B 86 14.82 -24.06 4.92
C LYS B 86 15.23 -22.90 4.02
N SER B 87 14.82 -21.68 4.35
CA SER B 87 15.17 -20.50 3.58
C SER B 87 16.38 -19.79 4.16
N SER B 88 17.07 -20.42 5.11
CA SER B 88 18.21 -19.78 5.75
C SER B 88 19.54 -20.30 5.25
N LEU B 89 19.71 -21.61 5.08
CA LEU B 89 21.01 -22.11 4.66
C LEU B 89 21.20 -22.06 3.16
N LEU B 90 20.15 -21.79 2.39
CA LEU B 90 20.33 -21.51 0.96
C LEU B 90 21.16 -20.26 0.75
N ASP B 91 20.99 -19.26 1.61
CA ASP B 91 21.79 -18.07 1.51
C ASP B 91 23.17 -18.25 2.13
N VAL B 92 23.40 -19.36 2.82
CA VAL B 92 24.72 -19.62 3.38
C VAL B 92 25.60 -20.32 2.37
N LEU B 93 25.08 -21.32 1.67
CA LEU B 93 25.88 -22.05 0.69
C LEU B 93 26.12 -21.22 -0.56
N ALA B 94 25.17 -20.38 -0.93
CA ALA B 94 25.29 -19.67 -2.20
C ALA B 94 25.96 -18.31 -2.04
N ALA B 95 26.69 -18.13 -0.94
CA ALA B 95 27.43 -16.91 -0.59
C ALA B 95 26.53 -15.67 -0.58
N ARG B 96 25.29 -15.83 -0.15
CA ARG B 96 24.36 -14.71 -0.03
C ARG B 96 24.28 -14.17 1.38
N LYS B 97 24.46 -15.02 2.39
CA LYS B 97 24.65 -14.52 3.74
C LYS B 97 26.05 -13.94 3.87
N ASP B 98 26.19 -12.97 4.77
CA ASP B 98 27.49 -12.37 5.00
C ASP B 98 28.40 -13.34 5.75
N PRO B 99 29.70 -13.34 5.48
CA PRO B 99 30.60 -14.29 6.16
C PRO B 99 30.97 -13.88 7.58
N SER B 100 30.31 -12.88 8.16
CA SER B 100 30.66 -12.43 9.50
C SER B 100 30.20 -13.44 10.55
N GLY B 101 28.89 -13.67 10.62
CA GLY B 101 28.35 -14.57 11.63
C GLY B 101 28.60 -16.04 11.36
N LEU B 102 29.03 -16.39 10.15
CA LEU B 102 29.34 -17.77 9.85
C LEU B 102 30.67 -18.18 10.49
N SER B 103 30.67 -19.34 11.15
CA SER B 103 31.88 -19.89 11.74
C SER B 103 32.31 -21.18 11.07
N GLY B 104 31.38 -21.99 10.60
CA GLY B 104 31.70 -23.21 9.90
C GLY B 104 32.26 -22.95 8.52
N ASP B 105 32.59 -24.03 7.83
CA ASP B 105 33.24 -23.98 6.53
C ASP B 105 32.46 -24.82 5.53
N VAL B 106 32.48 -24.41 4.27
CA VAL B 106 31.93 -25.19 3.18
C VAL B 106 33.05 -25.52 2.21
N LEU B 107 32.93 -26.65 1.52
CA LEU B 107 33.99 -27.14 0.66
C LEU B 107 33.38 -27.58 -0.67
N ILE B 108 34.02 -27.18 -1.77
CA ILE B 108 33.65 -27.68 -3.09
C ILE B 108 34.72 -28.68 -3.54
N ASN B 109 34.31 -29.96 -3.59
CA ASN B 109 35.15 -31.16 -3.80
C ASN B 109 36.51 -31.08 -3.10
N GLY B 110 36.46 -30.78 -1.81
CA GLY B 110 37.65 -30.68 -0.98
C GLY B 110 38.30 -29.32 -0.98
N ALA B 111 38.01 -28.48 -1.96
CA ALA B 111 38.60 -27.15 -2.02
C ALA B 111 37.66 -26.12 -1.40
N PRO B 112 38.18 -25.05 -0.79
CA PRO B 112 37.30 -24.00 -0.27
C PRO B 112 36.77 -23.14 -1.40
N ARG B 113 35.91 -22.19 -1.02
CA ARG B 113 35.31 -21.30 -2.00
C ARG B 113 36.35 -20.31 -2.51
N PRO B 114 36.53 -20.21 -3.84
CA PRO B 114 37.45 -19.19 -4.38
C PRO B 114 36.90 -17.79 -4.24
N ALA B 115 37.70 -16.79 -4.63
CA ALA B 115 37.25 -15.40 -4.56
C ALA B 115 36.15 -15.11 -5.58
N ASN B 116 36.07 -15.90 -6.64
CA ASN B 116 34.99 -15.82 -7.62
C ASN B 116 34.20 -17.13 -7.57
N PHE B 117 33.32 -17.22 -6.58
CA PHE B 117 32.43 -18.36 -6.42
C PHE B 117 30.99 -18.02 -6.73
N LYS B 118 30.57 -16.80 -6.43
CA LYS B 118 29.21 -16.40 -6.72
C LYS B 118 29.02 -16.05 -8.19
N CYS B 119 30.10 -15.81 -8.92
CA CYS B 119 29.99 -15.54 -10.35
C CYS B 119 30.19 -16.80 -11.19
N ASN B 120 29.57 -17.93 -10.82
CA ASN B 120 29.28 -18.98 -11.77
C ASN B 120 27.99 -19.74 -11.47
N SER B 121 27.23 -19.33 -10.45
CA SER B 121 26.12 -20.13 -9.96
C SER B 121 24.86 -19.28 -9.90
N GLY B 122 23.84 -19.70 -10.65
CA GLY B 122 22.60 -18.96 -10.68
C GLY B 122 21.84 -19.03 -9.37
N TYR B 123 20.98 -18.04 -9.16
CA TYR B 123 20.22 -17.93 -7.94
C TYR B 123 18.78 -17.57 -8.24
N VAL B 124 18.13 -18.40 -9.08
CA VAL B 124 16.72 -18.20 -9.44
C VAL B 124 15.84 -18.11 -8.20
N VAL B 125 15.18 -16.98 -8.04
CA VAL B 125 14.48 -16.64 -6.79
C VAL B 125 12.98 -16.83 -6.93
N GLN B 126 12.25 -16.73 -5.81
CA GLN B 126 10.83 -17.05 -5.82
C GLN B 126 9.99 -15.92 -6.42
N ASP B 127 10.26 -14.68 -6.02
CA ASP B 127 9.67 -13.53 -6.69
C ASP B 127 10.51 -13.22 -7.92
N ASP B 128 9.84 -12.95 -9.04
CA ASP B 128 10.54 -12.91 -10.31
C ASP B 128 11.34 -11.62 -10.47
N VAL B 129 12.52 -11.75 -11.08
CA VAL B 129 13.35 -10.61 -11.42
C VAL B 129 13.42 -10.42 -12.93
N VAL B 130 12.58 -11.12 -13.68
CA VAL B 130 12.50 -10.92 -15.11
C VAL B 130 11.76 -9.61 -15.38
N MET B 131 12.26 -8.85 -16.36
CA MET B 131 11.63 -7.59 -16.71
C MET B 131 10.29 -7.86 -17.40
N GLY B 132 9.24 -7.20 -16.90
CA GLY B 132 7.89 -7.47 -17.34
C GLY B 132 7.56 -7.10 -18.77
N THR B 133 7.84 -5.87 -19.18
CA THR B 133 7.49 -5.43 -20.53
C THR B 133 8.70 -5.54 -21.44
N LEU B 134 9.06 -6.79 -21.75
CA LEU B 134 10.17 -7.05 -22.63
C LEU B 134 9.95 -8.41 -23.28
N THR B 135 10.52 -8.62 -24.46
CA THR B 135 10.36 -9.92 -25.10
C THR B 135 11.40 -10.91 -24.56
N VAL B 136 11.08 -12.19 -24.70
CA VAL B 136 11.88 -13.25 -24.09
C VAL B 136 13.24 -13.37 -24.76
N ARG B 137 13.29 -13.21 -26.08
CA ARG B 137 14.53 -13.38 -26.82
C ARG B 137 15.53 -12.28 -26.48
N GLU B 138 15.06 -11.04 -26.34
CA GLU B 138 15.95 -9.97 -25.93
C GLU B 138 16.29 -10.05 -24.45
N ASN B 139 15.44 -10.68 -23.65
CA ASN B 139 15.70 -10.78 -22.21
C ASN B 139 16.85 -11.75 -21.95
N LEU B 140 16.83 -12.89 -22.62
CA LEU B 140 17.97 -13.80 -22.52
C LEU B 140 19.19 -13.27 -23.26
N GLN B 141 18.97 -12.38 -24.23
CA GLN B 141 20.08 -11.69 -24.89
C GLN B 141 20.84 -10.80 -23.90
N PHE B 142 20.10 -10.10 -23.04
CA PHE B 142 20.72 -9.21 -22.05
C PHE B 142 21.52 -9.99 -21.03
N SER B 143 21.03 -11.17 -20.65
CA SER B 143 21.75 -12.01 -19.70
C SER B 143 23.05 -12.53 -20.29
N ALA B 144 23.05 -12.77 -21.60
CA ALA B 144 24.27 -13.21 -22.28
C ALA B 144 25.22 -12.06 -22.54
N ALA B 145 24.71 -10.85 -22.71
CA ALA B 145 25.53 -9.75 -23.19
C ALA B 145 26.43 -9.14 -22.13
N LEU B 146 26.40 -9.64 -20.90
CA LEU B 146 27.15 -9.04 -19.82
C LEU B 146 28.14 -9.98 -19.16
N ARG B 147 27.83 -11.26 -19.08
CA ARG B 147 28.61 -12.16 -18.24
C ARG B 147 29.78 -12.81 -18.95
N LEU B 148 29.68 -13.07 -20.26
CA LEU B 148 30.62 -13.97 -20.90
C LEU B 148 31.19 -13.51 -22.22
N ALA B 149 30.52 -12.64 -22.98
CA ALA B 149 30.77 -12.47 -24.40
C ALA B 149 31.68 -11.29 -24.71
N THR B 150 32.66 -11.02 -23.85
CA THR B 150 33.54 -9.88 -24.10
C THR B 150 34.55 -10.16 -25.20
N THR B 151 34.89 -11.43 -25.43
CA THR B 151 35.83 -11.81 -26.47
C THR B 151 35.15 -12.21 -27.77
N MET B 152 34.05 -12.95 -27.69
CA MET B 152 33.29 -13.30 -28.88
C MET B 152 32.48 -12.10 -29.35
N THR B 153 32.11 -12.09 -30.63
CA THR B 153 31.32 -11.02 -31.20
C THR B 153 29.84 -11.36 -31.09
N ASN B 154 28.99 -10.64 -31.82
CA ASN B 154 27.55 -10.79 -31.71
C ASN B 154 26.99 -11.99 -32.47
N HIS B 155 27.82 -12.91 -32.95
CA HIS B 155 27.31 -14.13 -33.57
C HIS B 155 27.88 -15.35 -32.88
N GLU B 156 27.94 -15.32 -31.56
CA GLU B 156 28.20 -16.49 -30.74
C GLU B 156 27.20 -16.63 -29.61
N LYS B 157 26.62 -15.52 -29.14
CA LYS B 157 25.64 -15.56 -28.07
C LYS B 157 24.34 -16.20 -28.53
N ASN B 158 23.88 -15.89 -29.73
CA ASN B 158 22.66 -16.50 -30.23
C ASN B 158 22.90 -17.95 -30.65
N GLU B 159 24.17 -18.34 -30.81
CA GLU B 159 24.47 -19.73 -31.09
C GLU B 159 24.33 -20.59 -29.85
N ARG B 160 24.54 -20.00 -28.66
CA ARG B 160 24.37 -20.78 -27.44
C ARG B 160 22.94 -20.75 -26.93
N ILE B 161 22.29 -19.59 -26.96
CA ILE B 161 20.96 -19.48 -26.36
C ILE B 161 19.88 -20.15 -27.20
N ASN B 162 20.15 -20.40 -28.49
CA ASN B 162 19.22 -21.18 -29.29
C ASN B 162 19.16 -22.63 -28.85
N ARG B 163 20.26 -23.16 -28.31
CA ARG B 163 20.22 -24.46 -27.63
C ARG B 163 19.37 -24.39 -26.37
N VAL B 164 19.41 -23.24 -25.67
CA VAL B 164 18.70 -23.08 -24.42
C VAL B 164 17.19 -22.99 -24.65
N ILE B 165 16.77 -22.20 -25.64
CA ILE B 165 15.35 -22.08 -25.90
C ILE B 165 14.80 -23.31 -26.61
N GLN B 166 15.65 -24.15 -27.20
CA GLN B 166 15.19 -25.42 -27.72
C GLN B 166 14.87 -26.40 -26.61
N GLU B 167 15.46 -26.21 -25.43
CA GLU B 167 15.00 -26.87 -24.21
C GLU B 167 13.93 -25.99 -23.57
N LEU B 168 13.59 -26.27 -22.31
CA LEU B 168 12.80 -25.44 -21.41
C LEU B 168 11.33 -25.28 -21.81
N GLY B 169 10.91 -25.81 -22.95
CA GLY B 169 9.57 -25.53 -23.44
C GLY B 169 9.35 -24.08 -23.81
N LEU B 170 10.19 -23.53 -24.68
CA LEU B 170 10.12 -22.12 -25.03
C LEU B 170 9.77 -21.84 -26.48
N ASP B 171 9.75 -22.86 -27.34
CA ASP B 171 9.73 -22.65 -28.78
C ASP B 171 8.35 -22.23 -29.31
N LYS B 172 7.35 -22.05 -28.45
CA LYS B 172 6.05 -21.56 -28.87
C LYS B 172 5.85 -20.08 -28.56
N VAL B 173 6.31 -19.62 -27.40
CA VAL B 173 5.94 -18.30 -26.89
C VAL B 173 7.21 -17.47 -26.72
N ALA B 174 8.21 -17.73 -27.58
CA ALA B 174 9.53 -17.15 -27.42
C ALA B 174 9.61 -15.66 -27.79
N ASP B 175 8.54 -15.03 -28.27
CA ASP B 175 8.64 -13.66 -28.78
C ASP B 175 7.45 -12.81 -28.34
N SER B 176 7.10 -12.86 -27.06
CA SER B 176 6.01 -12.04 -26.54
C SER B 176 6.44 -11.35 -25.25
N LYS B 177 5.55 -10.48 -24.76
CA LYS B 177 5.73 -9.86 -23.46
C LYS B 177 5.39 -10.85 -22.36
N VAL B 178 6.26 -10.94 -21.36
CA VAL B 178 6.03 -11.92 -20.30
C VAL B 178 4.97 -11.42 -19.32
N GLY B 179 4.76 -10.10 -19.25
CA GLY B 179 3.72 -9.54 -18.42
C GLY B 179 4.04 -9.58 -16.94
N THR B 180 3.13 -8.99 -16.16
CA THR B 180 3.29 -8.85 -14.71
C THR B 180 1.91 -9.00 -14.07
N GLN B 181 1.79 -8.56 -12.82
CA GLN B 181 0.51 -8.56 -12.12
C GLN B 181 -0.48 -7.61 -12.77
N PHE B 182 -0.02 -6.40 -13.12
CA PHE B 182 -0.91 -5.37 -13.62
C PHE B 182 -1.23 -5.52 -15.10
N ILE B 183 -0.30 -5.98 -15.91
CA ILE B 183 -0.54 -6.20 -17.35
C ILE B 183 -0.31 -7.67 -17.66
N ARG B 184 -1.30 -8.30 -18.29
CA ARG B 184 -1.31 -9.74 -18.49
C ARG B 184 -0.41 -10.13 -19.66
N GLY B 185 -0.23 -11.44 -19.81
CA GLY B 185 0.65 -11.97 -20.82
C GLY B 185 0.84 -13.47 -20.67
N VAL B 186 2.10 -13.92 -20.72
CA VAL B 186 2.38 -15.34 -20.62
C VAL B 186 2.18 -15.78 -19.17
N SER B 187 1.70 -17.01 -18.99
CA SER B 187 1.27 -17.51 -17.70
C SER B 187 2.46 -17.71 -16.75
N GLY B 188 2.13 -17.90 -15.47
CA GLY B 188 3.13 -18.05 -14.43
C GLY B 188 3.98 -19.29 -14.55
N GLY B 189 3.46 -20.34 -15.18
CA GLY B 189 4.25 -21.54 -15.38
C GLY B 189 5.36 -21.40 -16.40
N GLU B 190 5.36 -20.32 -17.17
CA GLU B 190 6.40 -20.05 -18.15
C GLU B 190 7.32 -18.93 -17.70
N ARG B 191 6.85 -18.03 -16.84
CA ARG B 191 7.67 -16.95 -16.33
C ARG B 191 8.74 -17.42 -15.37
N LYS B 192 8.43 -18.40 -14.52
CA LYS B 192 9.43 -18.95 -13.61
C LYS B 192 10.49 -19.73 -14.37
N ARG B 193 10.11 -20.41 -15.46
CA ARG B 193 11.09 -21.11 -16.27
C ARG B 193 11.96 -20.17 -17.07
N THR B 194 11.55 -18.92 -17.24
CA THR B 194 12.38 -17.96 -17.95
C THR B 194 13.53 -17.48 -17.07
N SER B 195 13.30 -17.35 -15.77
CA SER B 195 14.37 -16.94 -14.87
C SER B 195 15.42 -18.03 -14.73
N ILE B 196 15.02 -19.29 -14.89
CA ILE B 196 15.97 -20.40 -14.81
C ILE B 196 16.94 -20.35 -15.97
N GLY B 197 16.42 -20.18 -17.18
CA GLY B 197 17.29 -20.07 -18.34
C GLY B 197 18.05 -18.77 -18.39
N MET B 198 17.58 -17.74 -17.67
CA MET B 198 18.27 -16.46 -17.65
C MET B 198 19.60 -16.57 -16.93
N GLU B 199 19.69 -17.44 -15.93
CA GLU B 199 20.94 -17.71 -15.25
C GLU B 199 21.50 -19.08 -15.61
N LEU B 200 21.13 -19.60 -16.77
CA LEU B 200 21.66 -20.86 -17.29
C LEU B 200 22.53 -20.62 -18.52
N ILE B 201 22.75 -19.36 -18.88
CA ILE B 201 23.41 -19.03 -20.14
C ILE B 201 24.90 -19.37 -20.07
N THR B 202 25.61 -18.77 -19.12
CA THR B 202 26.93 -19.25 -18.82
C THR B 202 26.84 -20.65 -18.21
N ASP B 203 27.82 -21.48 -18.57
CA ASP B 203 27.80 -22.89 -18.18
C ASP B 203 28.07 -23.05 -16.68
N PRO B 204 27.07 -23.41 -15.89
CA PRO B 204 27.25 -23.40 -14.44
C PRO B 204 27.74 -24.72 -13.89
N SER B 205 27.83 -24.80 -12.58
CA SER B 205 28.03 -26.06 -11.89
C SER B 205 26.96 -26.35 -10.85
N ILE B 206 26.42 -25.33 -10.18
CA ILE B 206 25.37 -25.49 -9.20
C ILE B 206 24.28 -24.48 -9.54
N LEU B 207 23.03 -24.91 -9.49
CA LEU B 207 21.88 -24.01 -9.67
C LEU B 207 21.17 -23.89 -8.33
N PHE B 208 21.52 -22.87 -7.55
CA PHE B 208 20.88 -22.66 -6.27
C PHE B 208 19.47 -22.12 -6.44
N LEU B 209 18.50 -22.98 -6.73
CA LEU B 209 17.13 -22.50 -6.85
C LEU B 209 16.54 -22.20 -5.49
N ASP B 210 15.51 -21.37 -5.48
CA ASP B 210 15.05 -20.68 -4.28
C ASP B 210 13.52 -20.75 -4.19
N GLU B 211 12.99 -21.97 -4.05
CA GLU B 211 11.59 -22.28 -3.77
C GLU B 211 10.69 -21.91 -4.94
N PRO B 212 10.76 -22.68 -6.04
CA PRO B 212 10.10 -22.26 -7.28
C PRO B 212 8.58 -22.38 -7.24
N THR B 213 8.03 -23.36 -6.52
CA THR B 213 6.62 -23.69 -6.64
C THR B 213 5.75 -22.91 -5.65
N THR B 214 6.16 -21.72 -5.24
CA THR B 214 5.33 -20.94 -4.33
C THR B 214 4.25 -20.22 -5.12
N GLY B 215 2.99 -20.61 -4.89
CA GLY B 215 1.86 -20.02 -5.57
C GLY B 215 1.86 -20.29 -7.05
N LEU B 216 2.13 -21.53 -7.43
CA LEU B 216 2.41 -21.88 -8.82
C LEU B 216 1.48 -22.99 -9.31
N ASP B 217 0.17 -22.79 -9.11
CA ASP B 217 -0.98 -23.40 -9.80
C ASP B 217 -0.85 -24.89 -10.10
N SER B 218 -0.90 -25.71 -9.04
CA SER B 218 -0.33 -27.05 -8.89
C SER B 218 -0.43 -28.03 -10.05
N SER B 219 -1.38 -27.84 -10.98
CA SER B 219 -1.52 -28.73 -12.12
C SER B 219 -0.29 -28.73 -13.03
N THR B 220 0.42 -27.61 -13.13
CA THR B 220 1.68 -27.56 -13.88
C THR B 220 2.86 -27.20 -12.98
N ALA B 221 2.69 -27.30 -11.66
CA ALA B 221 3.82 -27.11 -10.76
C ALA B 221 4.84 -28.23 -10.87
N ASN B 222 4.40 -29.44 -11.20
CA ASN B 222 5.35 -30.54 -11.39
C ASN B 222 6.09 -30.43 -12.71
N ALA B 223 5.65 -29.58 -13.63
CA ALA B 223 6.28 -29.46 -14.93
C ALA B 223 7.68 -28.88 -14.82
N VAL B 224 7.85 -27.86 -13.97
CA VAL B 224 9.19 -27.35 -13.72
C VAL B 224 10.00 -28.35 -12.92
N LEU B 225 9.36 -29.12 -12.05
CA LEU B 225 10.02 -30.20 -11.34
C LEU B 225 10.39 -31.37 -12.23
N LEU B 226 9.57 -31.67 -13.23
CA LEU B 226 9.96 -32.67 -14.21
C LEU B 226 11.05 -32.14 -15.12
N LEU B 227 11.06 -30.83 -15.36
CA LEU B 227 12.07 -30.24 -16.22
C LEU B 227 13.43 -30.23 -15.54
N LEU B 228 13.46 -30.07 -14.22
CA LEU B 228 14.72 -30.06 -13.48
C LEU B 228 15.40 -31.41 -13.45
N LYS B 229 14.64 -32.50 -13.60
CA LYS B 229 15.24 -33.84 -13.54
C LYS B 229 16.05 -34.12 -14.80
N ARG B 230 15.53 -33.76 -15.96
CA ARG B 230 16.18 -34.12 -17.21
C ARG B 230 17.44 -33.29 -17.46
N MET B 231 17.46 -32.03 -17.04
CA MET B 231 18.65 -31.22 -17.24
C MET B 231 19.75 -31.60 -16.25
N SER B 232 19.37 -32.20 -15.12
CA SER B 232 20.35 -32.54 -14.09
C SER B 232 21.21 -33.74 -14.45
N LYS B 233 20.89 -34.45 -15.53
CA LYS B 233 21.62 -35.67 -15.87
C LYS B 233 22.97 -35.37 -16.51
N GLN B 234 23.27 -34.11 -16.78
CA GLN B 234 24.46 -33.74 -17.53
C GLN B 234 25.51 -33.03 -16.68
N GLY B 235 25.41 -33.14 -15.36
CA GLY B 235 26.37 -32.49 -14.49
C GLY B 235 25.83 -31.21 -13.88
N ARG B 236 24.56 -31.24 -13.48
CA ARG B 236 23.91 -30.10 -12.84
C ARG B 236 23.52 -30.49 -11.43
N THR B 237 24.21 -29.94 -10.44
CA THR B 237 23.91 -30.22 -9.04
C THR B 237 22.84 -29.23 -8.59
N ILE B 238 21.60 -29.68 -8.69
CA ILE B 238 20.46 -28.83 -8.34
C ILE B 238 20.27 -28.86 -6.83
N ILE B 239 20.31 -27.68 -6.21
CA ILE B 239 20.07 -27.54 -4.78
C ILE B 239 18.95 -26.53 -4.60
N PHE B 240 17.77 -27.00 -4.22
CA PHE B 240 16.66 -26.09 -4.00
C PHE B 240 15.96 -26.43 -2.69
N SER B 241 14.87 -25.71 -2.44
CA SER B 241 14.14 -25.79 -1.18
C SER B 241 12.65 -25.71 -1.49
N ILE B 242 12.03 -26.86 -1.65
CA ILE B 242 10.61 -26.93 -2.01
C ILE B 242 9.76 -26.51 -0.83
N HIS B 243 8.50 -26.17 -1.10
CA HIS B 243 7.56 -25.65 -0.11
C HIS B 243 6.33 -26.55 -0.09
N GLN B 244 6.29 -27.48 0.88
CA GLN B 244 5.20 -28.40 1.17
C GLN B 244 4.74 -29.22 -0.02
N PRO B 245 5.51 -30.22 -0.45
CA PRO B 245 5.04 -31.11 -1.52
C PRO B 245 4.10 -32.15 -0.97
N ARG B 246 3.28 -32.73 -1.85
CA ARG B 246 2.23 -33.62 -1.34
C ARG B 246 2.75 -35.04 -1.11
N TYR B 247 2.99 -35.78 -2.21
CA TYR B 247 3.61 -37.09 -2.11
C TYR B 247 4.53 -37.44 -3.26
N SER B 248 4.36 -36.84 -4.44
CA SER B 248 4.78 -37.47 -5.69
C SER B 248 6.27 -37.38 -5.90
N ILE B 249 6.82 -36.16 -5.87
CA ILE B 249 8.25 -36.00 -6.15
C ILE B 249 9.06 -36.19 -4.87
N PHE B 250 8.39 -36.41 -3.73
CA PHE B 250 9.06 -36.77 -2.48
C PHE B 250 9.88 -38.05 -2.64
N LYS B 251 9.39 -39.00 -3.43
CA LYS B 251 10.22 -40.15 -3.77
C LYS B 251 11.12 -39.86 -4.95
N LEU B 252 10.78 -38.88 -5.78
CA LEU B 252 11.53 -38.58 -7.00
C LEU B 252 12.55 -37.47 -6.72
N PHE B 253 13.38 -37.71 -5.71
CA PHE B 253 14.45 -36.80 -5.35
C PHE B 253 15.76 -37.58 -5.26
N ASP B 254 16.80 -36.96 -4.77
CA ASP B 254 18.02 -37.75 -4.60
C ASP B 254 18.60 -37.68 -3.21
N SER B 255 18.52 -36.52 -2.55
CA SER B 255 19.06 -36.38 -1.21
C SER B 255 18.36 -35.24 -0.50
N LEU B 256 17.48 -35.58 0.44
CA LEU B 256 16.84 -34.58 1.27
C LEU B 256 17.82 -34.06 2.30
N THR B 257 17.56 -32.86 2.79
CA THR B 257 18.28 -32.31 3.92
C THR B 257 17.23 -31.59 4.77
N LEU B 258 16.18 -32.34 5.13
CA LEU B 258 15.06 -31.85 5.92
C LEU B 258 15.53 -31.18 7.20
N LEU B 259 14.94 -30.03 7.51
CA LEU B 259 15.29 -29.24 8.69
C LEU B 259 14.03 -28.72 9.34
N ALA B 260 14.12 -28.43 10.63
CA ALA B 260 12.98 -27.88 11.36
C ALA B 260 13.50 -27.13 12.57
N SER B 261 12.77 -26.09 12.98
CA SER B 261 13.05 -25.23 14.13
C SER B 261 14.40 -24.52 14.04
N GLY B 262 14.98 -24.47 12.85
CA GLY B 262 16.26 -23.83 12.61
C GLY B 262 17.43 -24.40 13.39
N ARG B 263 17.35 -25.64 13.86
CA ARG B 263 18.35 -26.15 14.79
C ARG B 263 19.26 -27.18 14.13
N LEU B 264 18.72 -28.32 13.71
CA LEU B 264 19.39 -29.35 12.91
C LEU B 264 18.36 -30.43 12.62
N MET B 265 18.49 -31.09 11.47
CA MET B 265 17.85 -32.39 11.23
C MET B 265 18.52 -33.07 10.04
N PHE B 266 18.54 -34.39 10.10
CA PHE B 266 19.23 -35.30 9.18
C PHE B 266 18.33 -35.88 8.11
N HIS B 267 18.66 -37.10 7.67
CA HIS B 267 18.29 -37.83 6.46
C HIS B 267 18.97 -37.25 5.24
N GLY B 268 20.30 -37.14 5.30
CA GLY B 268 21.13 -36.78 4.18
C GLY B 268 20.86 -37.59 2.92
N PRO B 269 21.15 -38.89 2.93
CA PRO B 269 20.75 -39.75 1.81
C PRO B 269 19.24 -39.95 1.79
N ALA B 270 18.72 -40.19 0.59
CA ALA B 270 17.28 -40.33 0.39
C ALA B 270 17.01 -41.16 -0.86
N GLN B 271 16.68 -42.44 -0.64
CA GLN B 271 16.11 -43.28 -1.68
C GLN B 271 14.90 -44.00 -1.11
N GLU B 272 14.90 -44.20 0.21
CA GLU B 272 13.73 -44.75 0.88
C GLU B 272 12.94 -43.62 1.54
N ALA B 273 13.65 -42.63 2.11
CA ALA B 273 13.13 -41.35 2.57
C ALA B 273 12.11 -41.47 3.72
N LEU B 274 11.83 -42.65 4.21
CA LEU B 274 10.85 -42.81 5.27
C LEU B 274 11.27 -43.82 6.32
N GLY B 275 12.35 -44.57 6.08
CA GLY B 275 12.77 -45.66 6.94
C GLY B 275 13.28 -45.25 8.30
N TYR B 276 13.43 -43.95 8.57
CA TYR B 276 13.93 -43.53 9.86
C TYR B 276 12.86 -43.39 10.92
N PHE B 277 11.65 -42.94 10.55
CA PHE B 277 10.65 -42.56 11.54
C PHE B 277 9.80 -43.72 12.02
N GLU B 278 9.93 -44.90 11.44
CA GLU B 278 9.26 -46.08 11.95
C GLU B 278 10.04 -46.78 13.05
N SER B 279 11.11 -46.15 13.54
CA SER B 279 11.97 -46.73 14.57
C SER B 279 12.18 -45.76 15.73
N ALA B 280 11.33 -44.74 15.82
CA ALA B 280 11.55 -43.65 16.77
C ALA B 280 10.35 -43.38 17.65
N GLY B 281 9.38 -44.29 17.70
CA GLY B 281 8.19 -44.09 18.52
C GLY B 281 7.11 -43.28 17.83
N TYR B 282 7.47 -42.10 17.33
CA TYR B 282 6.54 -41.22 16.62
C TYR B 282 6.46 -41.66 15.16
N HIS B 283 5.80 -42.81 14.97
CA HIS B 283 5.82 -43.47 13.67
C HIS B 283 4.80 -42.85 12.73
N CYS B 284 5.26 -42.59 11.51
CA CYS B 284 4.34 -42.26 10.42
C CYS B 284 3.52 -43.50 10.09
N GLU B 285 2.20 -43.36 10.08
CA GLU B 285 1.31 -44.50 9.98
C GLU B 285 0.66 -44.56 8.61
N ALA B 286 -0.04 -45.67 8.37
CA ALA B 286 -0.94 -45.79 7.24
C ALA B 286 -2.06 -44.77 7.35
N TYR B 287 -2.48 -44.27 6.17
CA TYR B 287 -3.43 -43.15 6.03
C TYR B 287 -3.00 -41.91 6.81
N ASN B 288 -1.82 -41.39 6.45
CA ASN B 288 -1.17 -40.26 7.09
C ASN B 288 -0.10 -39.76 6.13
N ASN B 289 0.11 -38.44 6.08
CA ASN B 289 1.12 -37.90 5.19
C ASN B 289 2.51 -38.21 5.74
N PRO B 290 3.38 -38.85 4.95
CA PRO B 290 4.76 -39.00 5.40
C PRO B 290 5.54 -37.70 5.31
N ALA B 291 5.21 -36.83 4.35
CA ALA B 291 5.91 -35.55 4.19
C ALA B 291 5.59 -34.58 5.31
N ASP B 292 4.44 -34.72 5.96
CA ASP B 292 4.06 -33.83 7.05
C ASP B 292 4.36 -34.41 8.43
N PHE B 293 4.18 -35.72 8.62
CA PHE B 293 4.38 -36.31 9.94
C PHE B 293 5.84 -36.29 10.37
N PHE B 294 6.77 -36.23 9.42
CA PHE B 294 8.17 -35.95 9.74
C PHE B 294 8.30 -34.61 10.43
N LEU B 295 7.54 -33.61 9.98
CA LEU B 295 7.57 -32.28 10.54
C LEU B 295 6.31 -31.92 11.32
N ASP B 296 5.38 -32.86 11.53
CA ASP B 296 4.25 -32.65 12.43
C ASP B 296 4.69 -32.67 13.90
N ILE B 297 5.93 -33.08 14.16
CA ILE B 297 6.54 -33.03 15.49
C ILE B 297 6.63 -31.62 16.05
N ILE B 298 6.55 -30.58 15.20
CA ILE B 298 6.48 -29.21 15.67
C ILE B 298 5.09 -28.82 16.13
N ASN B 299 4.07 -29.61 15.79
CA ASN B 299 2.69 -29.34 16.20
C ASN B 299 2.28 -30.09 17.45
N GLY B 300 3.01 -31.15 17.84
CA GLY B 300 2.64 -31.93 19.00
C GLY B 300 1.65 -33.02 18.70
N ASP B 301 2.02 -33.92 17.79
CA ASP B 301 1.22 -35.08 17.34
C ASP B 301 -0.13 -34.64 16.77
N LEU B 328 7.33 -33.45 20.72
CA LEU B 328 8.42 -32.50 20.94
C LEU B 328 9.51 -32.73 19.92
N ILE B 329 10.02 -31.64 19.33
CA ILE B 329 11.01 -31.74 18.25
C ILE B 329 12.33 -32.23 18.82
N GLU B 330 12.61 -31.84 20.07
CA GLU B 330 13.92 -32.11 20.67
C GLU B 330 14.07 -33.58 21.03
N LYS B 331 12.95 -34.31 21.12
CA LYS B 331 13.02 -35.75 21.36
C LYS B 331 13.64 -36.47 20.18
N LEU B 332 13.42 -35.97 18.97
CA LEU B 332 14.00 -36.58 17.78
C LEU B 332 15.48 -36.27 17.68
N ALA B 333 15.91 -35.12 18.24
CA ALA B 333 17.30 -34.71 18.16
C ALA B 333 18.20 -35.59 19.03
N GLU B 334 17.62 -36.20 20.07
CA GLU B 334 18.40 -37.08 20.93
C GLU B 334 18.62 -38.44 20.28
N ILE B 335 17.82 -38.75 19.25
CA ILE B 335 18.01 -40.00 18.50
C ILE B 335 19.10 -39.81 17.45
N TYR B 336 19.55 -38.57 17.28
CA TYR B 336 20.52 -38.26 16.24
C TYR B 336 21.95 -38.46 16.72
N VAL B 337 22.14 -38.79 18.00
CA VAL B 337 23.46 -39.16 18.48
C VAL B 337 23.65 -40.67 18.30
N ASN B 338 22.57 -41.38 17.98
CA ASN B 338 22.63 -42.82 17.78
C ASN B 338 21.82 -43.26 16.56
N SER B 339 21.84 -42.46 15.49
CA SER B 339 21.11 -42.83 14.29
C SER B 339 22.04 -43.58 13.33
N SER B 340 21.47 -44.06 12.23
CA SER B 340 22.19 -44.83 11.24
C SER B 340 22.82 -43.95 10.16
N PHE B 341 22.68 -42.64 10.27
CA PHE B 341 23.23 -41.73 9.27
C PHE B 341 24.19 -40.71 9.86
N TYR B 342 24.22 -40.55 11.18
CA TYR B 342 25.14 -39.60 11.81
C TYR B 342 26.58 -40.09 11.74
N LYS B 343 26.80 -41.38 11.93
CA LYS B 343 28.12 -41.90 12.28
C LYS B 343 29.01 -42.16 11.07
N GLU B 344 28.44 -42.35 9.87
CA GLU B 344 29.24 -42.61 8.70
C GLU B 344 29.48 -41.37 7.85
N THR B 345 28.67 -40.33 8.03
CA THR B 345 28.91 -39.09 7.29
C THR B 345 30.08 -38.31 7.84
N LYS B 346 30.40 -38.48 9.13
CA LYS B 346 31.54 -37.75 9.71
C LYS B 346 32.87 -38.31 9.25
N ALA B 347 32.87 -39.49 8.62
CA ALA B 347 34.12 -40.13 8.21
C ALA B 347 34.77 -39.37 7.05
N GLU B 348 34.00 -39.04 6.03
CA GLU B 348 34.57 -38.35 4.87
C GLU B 348 34.83 -36.89 5.17
N LEU B 349 33.99 -36.25 5.97
CA LEU B 349 34.18 -34.85 6.31
C LEU B 349 35.34 -34.65 7.29
N HIS B 350 35.71 -35.69 8.03
CA HIS B 350 36.98 -35.67 8.76
C HIS B 350 38.12 -36.20 7.91
N GLN B 351 37.82 -36.79 6.76
CA GLN B 351 38.86 -37.20 5.83
C GLN B 351 39.31 -36.04 4.95
N LEU B 352 38.38 -35.36 4.32
CA LEU B 352 38.70 -34.29 3.39
C LEU B 352 39.14 -33.00 4.08
N SER B 353 38.91 -32.87 5.40
CA SER B 353 39.34 -31.68 6.11
C SER B 353 40.79 -31.76 6.56
N GLY B 354 41.45 -32.90 6.36
CA GLY B 354 42.85 -33.05 6.73
C GLY B 354 43.79 -33.12 5.55
N THR B 370 32.79 -6.03 -14.32
CA THR B 370 34.24 -5.93 -14.20
C THR B 370 34.90 -6.02 -15.57
N THR B 371 34.09 -6.03 -16.62
CA THR B 371 34.57 -6.17 -18.00
C THR B 371 33.81 -5.22 -18.90
N SER B 372 34.56 -4.39 -19.65
CA SER B 372 34.07 -3.53 -20.74
C SER B 372 33.02 -2.53 -20.23
N PHE B 373 33.51 -1.58 -19.42
CA PHE B 373 32.65 -0.60 -18.75
C PHE B 373 31.86 0.25 -19.74
N CYS B 374 32.51 0.67 -20.83
CA CYS B 374 31.79 1.48 -21.82
C CYS B 374 30.75 0.65 -22.56
N HIS B 375 30.99 -0.65 -22.70
CA HIS B 375 30.00 -1.54 -23.29
C HIS B 375 28.84 -1.78 -22.33
N GLN B 376 29.07 -1.62 -21.03
CA GLN B 376 28.04 -1.93 -20.04
C GLN B 376 26.90 -0.92 -20.08
N LEU B 377 27.20 0.36 -19.86
CA LEU B 377 26.13 1.35 -19.76
C LEU B 377 25.51 1.67 -21.11
N ARG B 378 26.14 1.25 -22.20
CA ARG B 378 25.46 1.26 -23.49
C ARG B 378 24.31 0.28 -23.48
N TRP B 379 24.48 -0.86 -22.82
CA TRP B 379 23.49 -1.92 -22.91
C TRP B 379 22.47 -1.82 -21.78
N VAL B 380 22.85 -1.21 -20.66
CA VAL B 380 21.91 -1.03 -19.55
C VAL B 380 20.83 -0.04 -19.93
N SER B 381 21.21 1.04 -20.62
CA SER B 381 20.26 2.04 -21.07
C SER B 381 19.30 1.51 -22.13
N LYS B 382 19.65 0.41 -22.82
CA LYS B 382 18.76 -0.15 -23.81
C LYS B 382 17.57 -0.87 -23.19
N ARG B 383 17.68 -1.29 -21.93
CA ARG B 383 16.55 -1.94 -21.28
C ARG B 383 15.48 -0.94 -20.86
N SER B 384 15.87 0.03 -20.03
CA SER B 384 14.88 0.93 -19.43
C SER B 384 14.27 1.86 -20.48
N PHE B 385 15.00 2.15 -21.55
CA PHE B 385 14.38 2.88 -22.65
C PHE B 385 13.36 2.01 -23.37
N LYS B 386 13.62 0.70 -23.47
CA LYS B 386 12.61 -0.19 -24.00
C LYS B 386 11.46 -0.40 -23.02
N ASN B 387 11.72 -0.15 -21.73
CA ASN B 387 10.67 -0.30 -20.74
C ASN B 387 9.70 0.88 -20.74
N LEU B 388 10.08 2.00 -21.37
CA LEU B 388 9.14 3.11 -21.53
C LEU B 388 8.30 2.96 -22.78
N LEU B 389 8.87 2.39 -23.84
CA LEU B 389 8.17 2.29 -25.12
C LEU B 389 7.02 1.30 -25.03
N GLY B 390 7.26 0.12 -24.48
CA GLY B 390 6.24 -0.90 -24.42
C GLY B 390 5.22 -0.73 -23.32
N ASN B 391 5.46 0.20 -22.39
CA ASN B 391 4.55 0.40 -21.26
C ASN B 391 3.98 1.81 -21.31
N PRO B 392 2.90 2.05 -22.05
CA PRO B 392 2.35 3.40 -22.20
C PRO B 392 1.33 3.76 -21.13
N GLN B 393 1.71 3.58 -19.87
CA GLN B 393 0.85 3.98 -18.76
C GLN B 393 1.59 4.87 -17.78
N ALA B 394 2.91 4.91 -17.84
CA ALA B 394 3.71 5.83 -17.05
C ALA B 394 4.50 6.83 -17.91
N SER B 395 4.40 6.72 -19.23
CA SER B 395 5.07 7.64 -20.13
C SER B 395 4.10 8.69 -20.67
N ILE B 396 3.03 8.25 -21.33
CA ILE B 396 2.07 9.21 -21.88
C ILE B 396 1.15 9.76 -20.81
N ALA B 397 1.16 9.18 -19.61
CA ALA B 397 0.46 9.78 -18.49
C ALA B 397 1.09 11.07 -18.03
N GLN B 398 2.40 11.24 -18.26
CA GLN B 398 3.08 12.48 -17.95
C GLN B 398 3.17 13.40 -19.16
N ILE B 399 2.38 13.15 -20.20
CA ILE B 399 2.26 14.04 -21.33
C ILE B 399 0.86 14.64 -21.42
N ILE B 400 -0.16 13.84 -21.15
CA ILE B 400 -1.54 14.32 -21.23
C ILE B 400 -1.83 15.29 -20.09
N VAL B 401 -1.32 15.00 -18.89
CA VAL B 401 -1.55 15.90 -17.78
C VAL B 401 -0.64 17.12 -17.88
N THR B 402 0.36 17.08 -18.76
CA THR B 402 1.10 18.29 -19.07
C THR B 402 0.38 19.17 -20.05
N VAL B 403 -0.27 18.57 -21.06
CA VAL B 403 -0.88 19.38 -22.12
C VAL B 403 -2.32 19.75 -21.80
N VAL B 404 -2.94 19.13 -20.79
CA VAL B 404 -4.28 19.55 -20.39
C VAL B 404 -4.12 20.58 -19.29
N LEU B 405 -2.93 20.66 -18.70
CA LEU B 405 -2.65 21.73 -17.76
C LEU B 405 -2.19 22.98 -18.50
N GLY B 406 -1.56 22.80 -19.66
CA GLY B 406 -1.08 23.94 -20.42
C GLY B 406 -2.21 24.78 -20.98
N LEU B 407 -3.34 24.18 -21.28
CA LEU B 407 -4.48 24.95 -21.77
C LEU B 407 -5.23 25.61 -20.61
N VAL B 408 -5.27 24.96 -19.46
CA VAL B 408 -5.98 25.53 -18.30
C VAL B 408 -5.24 26.75 -17.78
N ILE B 409 -3.91 26.69 -17.73
CA ILE B 409 -3.13 27.90 -17.50
C ILE B 409 -3.29 28.86 -18.68
N GLY B 410 -3.39 28.32 -19.89
CA GLY B 410 -3.53 29.15 -21.06
C GLY B 410 -4.88 29.81 -21.23
N ALA B 411 -5.89 29.36 -20.48
CA ALA B 411 -7.20 29.96 -20.66
C ALA B 411 -7.58 30.87 -19.50
N ILE B 412 -7.06 30.59 -18.30
CA ILE B 412 -7.31 31.43 -17.14
C ILE B 412 -6.63 32.76 -17.37
N TYR B 413 -5.31 32.72 -17.55
CA TYR B 413 -4.60 33.88 -18.06
C TYR B 413 -4.63 33.85 -19.57
N PHE B 414 -5.07 34.94 -20.20
CA PHE B 414 -5.06 35.01 -21.65
C PHE B 414 -5.05 36.48 -22.06
N GLY B 415 -3.97 36.91 -22.70
CA GLY B 415 -3.83 38.29 -23.10
C GLY B 415 -3.69 39.20 -21.90
N LEU B 416 -2.72 38.92 -21.05
CA LEU B 416 -2.50 39.72 -19.84
C LEU B 416 -2.01 41.11 -20.23
N LYS B 417 -2.62 42.13 -19.64
CA LYS B 417 -2.43 43.49 -20.09
C LYS B 417 -1.20 44.10 -19.42
N ASN B 418 -1.03 45.41 -19.58
CA ASN B 418 0.03 46.15 -18.89
C ASN B 418 -0.53 47.25 -18.01
N ASP B 419 -1.80 47.13 -17.61
CA ASP B 419 -2.43 48.13 -16.77
C ASP B 419 -2.09 47.84 -15.29
N SER B 420 -2.86 48.46 -14.38
CA SER B 420 -2.49 48.47 -12.97
C SER B 420 -2.60 47.11 -12.27
N THR B 421 -3.28 46.14 -12.87
CA THR B 421 -3.33 44.78 -12.31
C THR B 421 -2.48 43.82 -13.12
N GLY B 422 -1.33 44.29 -13.59
CA GLY B 422 -0.47 43.45 -14.40
C GLY B 422 0.70 42.85 -13.64
N ILE B 423 0.99 43.38 -12.45
CA ILE B 423 2.08 42.82 -11.65
C ILE B 423 1.63 41.53 -10.97
N GLN B 424 0.51 41.60 -10.26
CA GLN B 424 -0.05 40.43 -9.58
C GLN B 424 -0.44 39.35 -10.58
N ASN B 425 -0.90 39.74 -11.76
CA ASN B 425 -1.30 38.76 -12.76
C ASN B 425 -0.11 38.11 -13.45
N ARG B 426 1.10 38.64 -13.26
CA ARG B 426 2.27 38.04 -13.87
C ARG B 426 3.11 37.28 -12.86
N ALA B 427 3.08 37.68 -11.60
CA ALA B 427 3.84 36.97 -10.58
C ALA B 427 3.13 35.70 -10.16
N GLY B 428 1.83 35.61 -10.43
CA GLY B 428 1.11 34.38 -10.11
C GLY B 428 1.52 33.23 -11.02
N VAL B 429 1.39 33.43 -12.34
CA VAL B 429 1.65 32.36 -13.30
C VAL B 429 3.13 31.98 -13.36
N LEU B 430 4.03 32.87 -12.96
CA LEU B 430 5.43 32.44 -12.84
C LEU B 430 5.65 31.67 -11.55
N PHE B 431 4.86 31.95 -10.51
CA PHE B 431 4.97 31.17 -9.29
C PHE B 431 4.35 29.79 -9.46
N PHE B 432 3.31 29.69 -10.28
CA PHE B 432 2.65 28.40 -10.42
C PHE B 432 3.43 27.48 -11.35
N LEU B 433 4.29 28.04 -12.20
CA LEU B 433 5.08 27.17 -13.06
C LEU B 433 6.26 26.59 -12.31
N THR B 434 6.91 27.36 -11.44
CA THR B 434 8.08 26.86 -10.75
C THR B 434 7.69 25.87 -9.65
N THR B 435 6.56 26.07 -9.00
CA THR B 435 6.18 25.15 -7.94
C THR B 435 5.61 23.85 -8.50
N ASN B 436 4.95 23.91 -9.67
CA ASN B 436 4.41 22.71 -10.27
C ASN B 436 5.52 21.79 -10.74
N GLN B 437 6.64 22.36 -11.18
CA GLN B 437 7.80 21.53 -11.50
C GLN B 437 8.44 20.98 -10.23
N CYS B 438 8.15 21.56 -9.08
CA CYS B 438 8.74 21.07 -7.84
C CYS B 438 7.88 19.97 -7.21
N PHE B 439 6.54 20.13 -7.24
CA PHE B 439 5.69 19.06 -6.75
C PHE B 439 5.45 17.96 -7.77
N SER B 440 5.98 18.09 -8.98
CA SER B 440 5.98 16.95 -9.91
C SER B 440 7.23 16.12 -9.77
N SER B 441 7.81 16.09 -8.57
CA SER B 441 8.98 15.29 -8.26
C SER B 441 8.62 14.08 -7.42
N VAL B 442 7.38 13.99 -6.94
CA VAL B 442 6.96 12.80 -6.20
C VAL B 442 6.89 11.60 -7.13
N SER B 443 6.73 11.82 -8.43
CA SER B 443 6.66 10.75 -9.40
C SER B 443 8.04 10.26 -9.83
N ALA B 444 9.10 10.63 -9.13
CA ALA B 444 10.42 10.10 -9.46
C ALA B 444 11.05 9.31 -8.32
N VAL B 445 10.35 9.15 -7.19
CA VAL B 445 10.87 8.27 -6.15
C VAL B 445 10.58 6.82 -6.42
N GLU B 446 9.78 6.51 -7.44
CA GLU B 446 9.60 5.13 -7.86
C GLU B 446 10.65 4.70 -8.86
N LEU B 447 11.68 5.50 -9.07
CA LEU B 447 12.69 5.20 -10.08
C LEU B 447 13.75 4.24 -9.57
N PHE B 448 14.01 4.21 -8.26
CA PHE B 448 14.97 3.26 -7.70
C PHE B 448 14.30 2.28 -6.73
N VAL B 449 13.22 2.71 -6.09
CA VAL B 449 12.61 1.91 -5.01
C VAL B 449 11.89 0.68 -5.52
N VAL B 450 11.22 0.76 -6.67
CA VAL B 450 10.38 -0.33 -7.12
C VAL B 450 11.21 -1.51 -7.65
N GLU B 451 12.50 -1.30 -7.89
CA GLU B 451 13.35 -2.36 -8.43
C GLU B 451 14.60 -2.58 -7.58
N LYS B 452 14.51 -2.34 -6.27
CA LYS B 452 15.62 -2.63 -5.38
C LYS B 452 15.89 -4.13 -5.30
N LYS B 453 14.83 -4.94 -5.33
CA LYS B 453 15.01 -6.38 -5.35
C LYS B 453 15.60 -6.85 -6.68
N LEU B 454 15.45 -6.05 -7.73
CA LEU B 454 16.12 -6.35 -8.98
C LEU B 454 17.60 -5.98 -8.91
N PHE B 455 17.93 -4.86 -8.27
CA PHE B 455 19.29 -4.38 -8.31
C PHE B 455 20.21 -5.16 -7.38
N ILE B 456 19.70 -5.60 -6.23
CA ILE B 456 20.51 -6.35 -5.28
C ILE B 456 20.90 -7.70 -5.86
N HIS B 457 19.98 -8.35 -6.58
CA HIS B 457 20.27 -9.66 -7.14
C HIS B 457 21.28 -9.58 -8.28
N GLU B 458 21.23 -8.52 -9.09
CA GLU B 458 22.11 -8.47 -10.23
C GLU B 458 23.51 -7.99 -9.86
N TYR B 459 23.62 -7.19 -8.79
CA TYR B 459 24.94 -6.70 -8.41
C TYR B 459 25.73 -7.77 -7.67
N ILE B 460 25.06 -8.57 -6.84
CA ILE B 460 25.77 -9.62 -6.14
C ILE B 460 26.17 -10.76 -7.08
N SER B 461 25.50 -10.90 -8.21
CA SER B 461 25.91 -11.87 -9.22
C SER B 461 26.93 -11.31 -10.19
N GLY B 462 27.32 -10.04 -10.02
CA GLY B 462 28.41 -9.49 -10.81
C GLY B 462 28.08 -9.14 -12.24
N TYR B 463 26.87 -8.66 -12.52
CA TYR B 463 26.55 -8.20 -13.86
C TYR B 463 27.31 -6.93 -14.20
N TYR B 464 27.08 -5.86 -13.42
CA TYR B 464 27.64 -4.56 -13.72
C TYR B 464 28.10 -3.89 -12.44
N ARG B 465 29.03 -2.94 -12.59
CA ARG B 465 29.43 -2.12 -11.47
C ARG B 465 28.31 -1.13 -11.10
N VAL B 466 28.39 -0.60 -9.89
CA VAL B 466 27.35 0.31 -9.41
C VAL B 466 27.42 1.63 -10.15
N SER B 467 28.62 2.08 -10.50
CA SER B 467 28.77 3.31 -11.26
C SER B 467 28.30 3.15 -12.70
N SER B 468 28.19 1.92 -13.19
CA SER B 468 27.59 1.74 -14.50
C SER B 468 26.09 1.66 -14.43
N TYR B 469 25.53 1.18 -13.32
CA TYR B 469 24.09 1.11 -13.20
C TYR B 469 23.49 2.48 -12.95
N PHE B 470 24.10 3.26 -12.05
CA PHE B 470 23.56 4.56 -11.73
C PHE B 470 23.68 5.53 -12.89
N LEU B 471 24.87 5.65 -13.47
CA LEU B 471 25.07 6.55 -14.59
C LEU B 471 24.37 6.04 -15.85
N GLY B 472 24.05 4.77 -15.91
CA GLY B 472 23.30 4.25 -17.03
C GLY B 472 21.81 4.36 -16.83
N LYS B 473 21.37 4.60 -15.60
CA LYS B 473 19.93 4.67 -15.36
C LYS B 473 19.36 6.03 -15.72
N LEU B 474 19.95 7.10 -15.19
CA LEU B 474 19.37 8.43 -15.40
C LEU B 474 19.59 8.93 -16.82
N LEU B 475 20.52 8.32 -17.56
CA LEU B 475 20.66 8.64 -18.97
C LEU B 475 19.47 8.15 -19.79
N SER B 476 18.73 7.17 -19.28
CA SER B 476 17.66 6.54 -20.04
C SER B 476 16.26 6.88 -19.56
N ASP B 477 16.01 6.85 -18.25
CA ASP B 477 14.66 7.00 -17.73
C ASP B 477 14.42 8.34 -17.07
N LEU B 478 15.48 9.07 -16.72
CA LEU B 478 15.30 10.35 -16.05
C LEU B 478 15.38 11.52 -17.01
N LEU B 479 16.32 11.48 -17.97
CA LEU B 479 16.49 12.64 -18.85
C LEU B 479 15.35 12.83 -19.86
N PRO B 480 14.98 11.86 -20.70
CA PRO B 480 13.94 12.15 -21.69
C PRO B 480 12.52 12.07 -21.17
N MET B 481 12.31 12.01 -19.86
CA MET B 481 10.98 12.05 -19.30
C MET B 481 10.80 13.18 -18.30
N ARG B 482 11.86 13.94 -18.01
CA ARG B 482 11.76 15.15 -17.22
C ARG B 482 11.97 16.40 -18.05
N MET B 483 12.61 16.29 -19.21
CA MET B 483 12.82 17.41 -20.12
C MET B 483 11.65 17.59 -21.08
N LEU B 484 11.13 16.50 -21.63
CA LEU B 484 10.04 16.59 -22.59
C LEU B 484 8.72 17.07 -21.99
N PRO B 485 8.33 16.76 -20.74
CA PRO B 485 7.20 17.48 -20.15
C PRO B 485 7.53 18.88 -19.65
N SER B 486 8.70 19.43 -19.97
CA SER B 486 8.99 20.84 -19.68
C SER B 486 8.91 21.71 -20.92
N ILE B 487 9.50 21.28 -22.03
CA ILE B 487 9.52 22.14 -23.20
C ILE B 487 8.21 22.06 -23.96
N ILE B 488 7.37 21.06 -23.67
CA ILE B 488 6.01 21.08 -24.19
C ILE B 488 5.14 21.98 -23.32
N PHE B 489 5.61 22.26 -22.11
CA PHE B 489 4.82 23.02 -21.14
C PHE B 489 5.13 24.50 -21.22
N THR B 490 6.23 24.88 -21.84
CA THR B 490 6.55 26.29 -22.00
C THR B 490 6.39 26.78 -23.44
N CYS B 491 6.30 25.86 -24.41
CA CYS B 491 6.01 26.26 -25.77
C CYS B 491 4.54 26.61 -25.95
N ILE B 492 3.65 25.80 -25.35
CA ILE B 492 2.22 25.98 -25.56
C ILE B 492 1.65 27.13 -24.75
N VAL B 493 2.42 27.72 -23.84
CA VAL B 493 1.90 28.75 -22.96
C VAL B 493 2.55 30.11 -23.19
N TYR B 494 3.73 30.17 -23.82
CA TYR B 494 4.48 31.42 -23.89
C TYR B 494 3.79 32.44 -24.78
N PHE B 495 3.47 32.07 -26.00
CA PHE B 495 2.69 32.95 -26.85
C PHE B 495 1.22 32.97 -26.47
N MET B 496 0.77 32.00 -25.66
CA MET B 496 -0.61 31.98 -25.22
C MET B 496 -0.87 33.09 -24.20
N LEU B 497 0.12 33.40 -23.36
CA LEU B 497 -0.07 34.48 -22.39
C LEU B 497 0.27 35.82 -23.00
N GLY B 498 1.40 35.91 -23.68
CA GLY B 498 1.86 37.19 -24.17
C GLY B 498 3.03 37.77 -23.40
N LEU B 499 4.06 36.96 -23.16
CA LEU B 499 5.26 37.41 -22.45
C LEU B 499 6.15 38.22 -23.39
N LYS B 500 7.39 38.45 -22.97
CA LYS B 500 8.33 39.28 -23.73
C LYS B 500 8.68 38.62 -25.04
N PRO B 501 8.32 39.20 -26.19
CA PRO B 501 8.48 38.49 -27.46
C PRO B 501 9.86 38.68 -28.08
N LYS B 502 10.90 38.33 -27.34
CA LYS B 502 12.25 38.31 -27.87
C LYS B 502 12.55 36.91 -28.41
N ALA B 503 13.81 36.65 -28.73
CA ALA B 503 14.24 35.32 -29.15
C ALA B 503 15.05 34.62 -28.05
N ASP B 504 16.01 35.34 -27.46
CA ASP B 504 16.81 34.75 -26.39
C ASP B 504 16.05 34.66 -25.08
N ALA B 505 15.14 35.59 -24.81
CA ALA B 505 14.34 35.53 -23.59
C ALA B 505 13.31 34.42 -23.60
N PHE B 506 13.06 33.80 -24.75
CA PHE B 506 12.31 32.57 -24.82
C PHE B 506 13.16 31.35 -24.52
N PHE B 507 14.46 31.42 -24.77
CA PHE B 507 15.33 30.30 -24.48
C PHE B 507 15.93 30.36 -23.09
N VAL B 508 15.39 31.22 -22.22
CA VAL B 508 15.73 31.14 -20.81
C VAL B 508 14.61 30.44 -20.05
N MET B 509 13.36 30.78 -20.36
CA MET B 509 12.20 30.15 -19.76
C MET B 509 12.10 28.68 -20.10
N MET B 510 12.44 28.29 -21.32
CA MET B 510 12.52 26.87 -21.64
C MET B 510 13.72 26.22 -20.95
N PHE B 511 14.77 27.00 -20.70
CA PHE B 511 15.94 26.43 -20.06
C PHE B 511 15.79 26.32 -18.56
N THR B 512 15.18 27.31 -17.90
CA THR B 512 15.15 27.30 -16.45
C THR B 512 14.19 26.27 -15.90
N LEU B 513 13.06 26.04 -16.59
CA LEU B 513 12.13 25.03 -16.14
C LEU B 513 12.68 23.62 -16.28
N MET B 514 13.48 23.35 -17.31
CA MET B 514 14.13 22.06 -17.40
C MET B 514 15.43 22.00 -16.60
N MET B 515 15.80 23.10 -15.96
CA MET B 515 16.90 23.06 -15.02
C MET B 515 16.42 22.96 -13.58
N VAL B 516 15.21 23.46 -13.30
CA VAL B 516 14.66 23.27 -11.97
C VAL B 516 14.05 21.89 -11.86
N ALA B 517 13.74 21.27 -13.00
CA ALA B 517 13.08 19.96 -12.99
C ALA B 517 14.05 18.85 -12.59
N TYR B 518 15.28 18.91 -13.07
CA TYR B 518 16.27 17.89 -12.68
C TYR B 518 16.67 18.05 -11.22
N SER B 519 16.89 19.29 -10.79
CA SER B 519 17.24 19.54 -9.40
C SER B 519 16.10 19.22 -8.46
N ALA B 520 14.86 19.33 -8.92
CA ALA B 520 13.76 18.81 -8.13
C ALA B 520 13.76 17.29 -8.13
N SER B 521 14.00 16.69 -9.30
CA SER B 521 13.95 15.23 -9.36
C SER B 521 15.20 14.60 -8.74
N SER B 522 16.27 15.36 -8.60
CA SER B 522 17.45 14.80 -7.95
C SER B 522 17.25 14.72 -6.45
N MET B 523 16.56 15.69 -5.86
CA MET B 523 16.36 15.66 -4.42
C MET B 523 15.40 14.53 -4.04
N ALA B 524 14.44 14.23 -4.91
CA ALA B 524 13.59 13.07 -4.67
C ALA B 524 14.33 11.77 -4.93
N LEU B 525 15.48 11.84 -5.60
CA LEU B 525 16.28 10.64 -5.80
C LEU B 525 17.23 10.42 -4.63
N ALA B 526 17.46 11.46 -3.83
CA ALA B 526 18.44 11.37 -2.76
C ALA B 526 17.86 10.75 -1.49
N ILE B 527 16.58 10.98 -1.22
CA ILE B 527 16.00 10.49 0.03
C ILE B 527 15.07 9.32 -0.27
N ALA B 528 15.32 8.64 -1.37
CA ALA B 528 14.52 7.47 -1.73
C ALA B 528 15.40 6.28 -2.06
N ALA B 529 16.56 6.54 -2.66
CA ALA B 529 17.44 5.49 -3.15
C ALA B 529 18.00 4.61 -2.03
N GLY B 530 17.57 3.36 -1.99
CA GLY B 530 18.00 2.46 -0.95
C GLY B 530 16.98 2.30 0.15
N GLN B 531 15.71 2.18 -0.22
CA GLN B 531 14.65 1.98 0.75
C GLN B 531 13.64 0.98 0.22
N SER B 532 12.57 0.73 0.97
CA SER B 532 11.66 -0.35 0.63
C SER B 532 10.23 0.15 0.41
N VAL B 533 9.83 1.17 1.17
CA VAL B 533 8.46 1.67 1.12
C VAL B 533 8.51 3.07 0.53
N VAL B 534 7.41 3.52 -0.07
CA VAL B 534 7.34 4.82 -0.71
C VAL B 534 6.78 5.81 0.30
N SER B 535 5.89 5.34 1.17
CA SER B 535 5.09 6.20 2.04
C SER B 535 5.88 6.84 3.18
N VAL B 536 7.18 6.59 3.28
CA VAL B 536 8.05 7.35 4.16
C VAL B 536 8.81 8.41 3.39
N ALA B 537 9.20 8.13 2.15
CA ALA B 537 9.86 9.10 1.30
C ALA B 537 8.89 9.99 0.52
N THR B 538 7.63 10.04 0.90
CA THR B 538 6.69 11.02 0.39
C THR B 538 6.23 12.00 1.47
N LEU B 539 5.88 11.50 2.66
CA LEU B 539 5.57 12.39 3.78
C LEU B 539 6.80 12.97 4.44
N LEU B 540 8.01 12.65 3.96
CA LEU B 540 9.21 13.37 4.35
C LEU B 540 9.65 14.36 3.29
N MET B 541 9.21 14.19 2.05
CA MET B 541 9.65 15.07 0.98
C MET B 541 8.65 16.19 0.69
N THR B 542 7.34 15.92 0.76
CA THR B 542 6.39 17.03 0.62
C THR B 542 6.18 17.75 1.93
N ILE B 543 6.81 17.29 3.01
CA ILE B 543 6.92 18.13 4.21
C ILE B 543 8.16 19.01 4.16
N CYS B 544 9.06 18.75 3.22
CA CYS B 544 10.21 19.61 3.00
C CYS B 544 10.02 20.55 1.83
N PHE B 545 9.27 20.15 0.81
CA PHE B 545 8.93 21.05 -0.28
C PHE B 545 7.75 21.96 0.05
N VAL B 546 7.37 22.09 1.32
CA VAL B 546 6.52 23.21 1.72
C VAL B 546 7.34 24.22 2.53
N PHE B 547 8.43 23.78 3.15
CA PHE B 547 9.41 24.69 3.73
C PHE B 547 10.22 25.42 2.66
N MET B 548 10.19 24.92 1.43
CA MET B 548 10.81 25.63 0.32
C MET B 548 9.81 26.52 -0.40
N MET B 549 8.52 26.25 -0.24
CA MET B 549 7.53 27.07 -0.94
C MET B 549 7.29 28.38 -0.20
N ILE B 550 7.64 28.47 1.08
CA ILE B 550 7.46 29.71 1.81
C ILE B 550 8.51 30.72 1.39
N PHE B 551 9.79 30.37 1.56
CA PHE B 551 10.88 31.26 1.18
C PHE B 551 11.00 31.26 -0.34
N SER B 552 10.09 31.96 -1.00
CA SER B 552 10.01 31.86 -2.44
C SER B 552 9.80 33.21 -3.11
N GLY B 553 10.01 34.30 -2.40
CA GLY B 553 9.94 35.61 -3.00
C GLY B 553 8.55 36.14 -3.28
N LEU B 554 7.50 35.39 -2.95
CA LEU B 554 6.14 35.86 -3.14
C LEU B 554 5.38 35.98 -1.82
N LEU B 555 5.39 34.93 -1.01
CA LEU B 555 4.62 34.93 0.22
C LEU B 555 5.37 35.54 1.40
N VAL B 556 6.58 36.03 1.20
CA VAL B 556 7.39 36.57 2.29
C VAL B 556 7.76 38.02 2.08
N ASN B 557 8.16 38.39 0.85
CA ASN B 557 8.86 39.63 0.53
C ASN B 557 10.16 39.71 1.33
N LEU B 558 11.10 38.85 0.90
CA LEU B 558 12.30 38.37 1.58
C LEU B 558 13.09 39.35 2.43
N THR B 559 13.13 40.63 2.06
CA THR B 559 13.87 41.57 2.89
C THR B 559 13.08 42.08 4.09
N THR B 560 12.41 41.18 4.81
CA THR B 560 11.83 41.43 6.12
C THR B 560 12.18 40.37 7.16
N ILE B 561 12.60 39.18 6.75
CA ILE B 561 13.13 38.19 7.67
C ILE B 561 14.42 38.75 8.25
N ALA B 562 14.40 39.05 9.55
CA ALA B 562 15.40 39.95 10.13
C ALA B 562 16.83 39.43 10.14
N SER B 563 17.13 38.47 11.01
CA SER B 563 18.52 38.06 11.21
C SER B 563 18.73 36.56 11.03
N TRP B 564 17.99 35.74 11.76
CA TRP B 564 18.40 34.37 12.04
C TRP B 564 17.52 33.34 11.35
N LEU B 565 16.73 33.76 10.37
CA LEU B 565 16.08 32.81 9.47
C LEU B 565 16.38 33.16 8.03
N SER B 566 17.08 34.27 7.78
CA SER B 566 17.49 34.61 6.43
C SER B 566 18.71 33.84 5.97
N TRP B 567 19.35 33.08 6.85
CA TRP B 567 20.36 32.12 6.44
C TRP B 567 19.74 30.82 5.94
N LEU B 568 18.44 30.63 6.14
CA LEU B 568 17.71 29.51 5.57
C LEU B 568 17.20 29.82 4.18
N GLN B 569 17.49 31.00 3.66
CA GLN B 569 16.98 31.44 2.37
C GLN B 569 17.60 30.69 1.21
N TYR B 570 18.81 30.18 1.36
CA TYR B 570 19.53 29.59 0.25
C TYR B 570 19.30 28.09 0.10
N PHE B 571 18.56 27.46 1.00
CA PHE B 571 18.37 26.02 0.97
C PHE B 571 17.11 25.61 0.22
N SER B 572 16.49 26.51 -0.54
CA SER B 572 15.19 26.25 -1.14
C SER B 572 15.29 26.27 -2.65
N ILE B 573 14.99 25.14 -3.28
CA ILE B 573 15.07 24.96 -4.73
C ILE B 573 14.15 25.89 -5.52
N PRO B 574 12.84 26.03 -5.27
CA PRO B 574 12.05 26.91 -6.13
C PRO B 574 12.25 28.39 -5.89
N ARG B 575 13.22 28.81 -5.08
CA ARG B 575 13.59 30.22 -5.05
C ARG B 575 14.42 30.56 -6.28
N TYR B 576 15.37 29.69 -6.63
CA TYR B 576 16.29 30.00 -7.71
C TYR B 576 15.61 29.92 -9.06
N GLY B 577 14.61 29.05 -9.18
CA GLY B 577 13.86 29.02 -10.42
C GLY B 577 12.91 30.19 -10.54
N PHE B 578 12.47 30.74 -9.40
CA PHE B 578 11.50 31.82 -9.45
C PHE B 578 12.18 33.16 -9.71
N THR B 579 13.38 33.35 -9.17
CA THR B 579 14.08 34.61 -9.37
C THR B 579 14.54 34.77 -10.81
N ALA B 580 15.11 33.71 -11.38
CA ALA B 580 15.61 33.78 -12.75
C ALA B 580 14.48 33.90 -13.76
N LEU B 581 13.29 33.42 -13.43
CA LEU B 581 12.15 33.68 -14.28
C LEU B 581 11.64 35.11 -14.14
N GLN B 582 11.67 35.66 -12.93
CA GLN B 582 11.24 37.02 -12.71
C GLN B 582 12.25 38.04 -13.22
N HIS B 583 13.51 37.64 -13.40
CA HIS B 583 14.53 38.58 -13.83
C HIS B 583 14.34 38.99 -15.28
N ASN B 584 14.11 38.03 -16.17
CA ASN B 584 13.98 38.34 -17.58
C ASN B 584 12.54 38.69 -17.97
N GLU B 585 11.64 38.88 -17.02
CA GLU B 585 10.26 39.21 -17.35
C GLU B 585 9.76 40.53 -16.80
N PHE B 586 10.47 41.15 -15.87
CA PHE B 586 10.14 42.50 -15.44
C PHE B 586 11.18 43.51 -15.90
N LEU B 587 11.94 43.17 -16.92
CA LEU B 587 13.01 44.04 -17.43
C LEU B 587 12.51 44.70 -18.70
N GLY B 588 12.29 46.01 -18.64
CA GLY B 588 11.94 46.78 -19.80
C GLY B 588 10.46 46.84 -20.13
N GLN B 589 9.59 47.08 -19.16
CA GLN B 589 8.17 47.23 -19.41
C GLN B 589 7.63 48.35 -18.54
N ASN B 590 6.39 48.75 -18.81
CA ASN B 590 5.69 49.75 -18.03
C ASN B 590 4.37 49.18 -17.55
N PHE B 591 4.03 49.46 -16.31
CA PHE B 591 2.72 49.09 -15.78
C PHE B 591 1.99 50.33 -15.32
N CYS B 592 2.06 51.39 -16.12
CA CYS B 592 1.52 52.67 -15.72
C CYS B 592 1.01 53.39 -16.97
N PRO B 593 -0.14 52.99 -17.51
CA PRO B 593 -0.59 53.51 -18.82
C PRO B 593 -1.13 54.93 -18.69
N GLY B 594 -0.83 55.74 -19.70
CA GLY B 594 -1.18 57.16 -19.69
C GLY B 594 -0.17 58.04 -19.00
N LEU B 595 0.63 57.48 -18.10
CA LEU B 595 1.73 58.18 -17.44
C LEU B 595 3.04 57.67 -17.98
N ASN B 596 4.13 58.25 -17.50
CA ASN B 596 5.47 57.87 -17.92
C ASN B 596 6.49 58.21 -16.84
N ALA B 597 7.34 57.23 -16.53
CA ALA B 597 8.32 57.35 -15.45
C ALA B 597 9.68 56.86 -15.93
N THR B 598 10.07 57.29 -17.14
CA THR B 598 11.38 56.90 -17.66
C THR B 598 12.49 57.65 -16.95
N GLY B 599 12.32 58.96 -16.74
CA GLY B 599 13.26 59.73 -15.95
C GLY B 599 12.53 60.74 -15.08
N ASN B 600 11.21 60.73 -15.14
CA ASN B 600 10.37 61.66 -14.39
C ASN B 600 9.40 60.88 -13.51
N ASN B 601 9.82 60.59 -12.27
CA ASN B 601 9.05 59.72 -11.38
C ASN B 601 8.76 60.48 -10.09
N PRO B 602 7.61 61.18 -10.03
CA PRO B 602 7.09 61.62 -8.73
C PRO B 602 6.27 60.52 -8.09
N CYS B 603 5.58 60.83 -6.98
CA CYS B 603 4.49 60.05 -6.41
C CYS B 603 4.91 58.62 -6.06
N ASN B 604 5.77 58.54 -5.05
CA ASN B 604 6.41 57.30 -4.63
C ASN B 604 5.39 56.27 -4.13
N TYR B 605 5.88 55.06 -3.89
CA TYR B 605 5.08 53.83 -3.75
C TYR B 605 4.17 53.64 -4.95
N ALA B 606 4.78 53.75 -6.13
CA ALA B 606 4.04 53.68 -7.39
C ALA B 606 4.22 52.34 -8.09
N THR B 607 5.47 51.89 -8.27
CA THR B 607 5.83 50.69 -9.04
C THR B 607 5.25 50.74 -10.45
N CYS B 608 5.47 51.87 -11.14
CA CYS B 608 4.97 51.99 -12.50
C CYS B 608 5.94 51.41 -13.52
N THR B 609 7.23 51.38 -13.21
CA THR B 609 8.20 50.79 -14.11
C THR B 609 8.43 49.34 -13.73
N GLY B 610 9.25 48.65 -14.52
CA GLY B 610 9.54 47.27 -14.24
C GLY B 610 10.62 47.13 -13.18
N GLU B 611 11.67 47.94 -13.28
CA GLU B 611 12.83 47.76 -12.43
C GLU B 611 12.59 48.19 -10.99
N GLU B 612 11.54 48.98 -10.72
CA GLU B 612 11.23 49.29 -9.34
C GLU B 612 10.67 48.08 -8.61
N TYR B 613 10.02 47.16 -9.33
CA TYR B 613 9.42 46.00 -8.68
C TYR B 613 10.49 45.00 -8.23
N LEU B 614 11.57 44.91 -9.00
CA LEU B 614 12.60 43.92 -8.69
C LEU B 614 13.47 44.38 -7.52
N VAL B 615 13.75 45.68 -7.44
CA VAL B 615 14.57 46.18 -6.34
C VAL B 615 13.75 46.21 -5.06
N LYS B 616 12.43 46.29 -5.19
CA LYS B 616 11.55 46.18 -4.04
C LYS B 616 11.47 44.75 -3.49
N GLN B 617 11.77 43.75 -4.32
CA GLN B 617 11.88 42.37 -3.87
C GLN B 617 13.30 42.02 -3.45
N GLY B 618 14.27 42.86 -3.81
CA GLY B 618 15.64 42.62 -3.39
C GLY B 618 16.38 41.58 -4.19
N ILE B 619 16.41 41.71 -5.51
CA ILE B 619 17.19 40.84 -6.36
C ILE B 619 18.14 41.73 -7.15
N ASP B 620 19.24 41.16 -7.63
CA ASP B 620 20.25 41.96 -8.33
C ASP B 620 19.79 42.30 -9.72
N LEU B 621 19.94 43.58 -10.08
CA LEU B 621 19.49 44.08 -11.39
C LEU B 621 20.68 44.16 -12.35
N SER B 622 21.23 42.99 -12.67
CA SER B 622 22.46 42.91 -13.43
C SER B 622 22.53 41.56 -14.10
N PRO B 623 23.25 41.44 -15.23
CA PRO B 623 23.36 40.12 -15.90
C PRO B 623 24.13 39.07 -15.11
N TRP B 624 24.79 39.41 -14.00
CA TRP B 624 25.36 38.37 -13.17
C TRP B 624 24.31 37.69 -12.31
N GLY B 625 23.39 38.47 -11.74
CA GLY B 625 22.36 37.94 -10.85
C GLY B 625 21.38 36.99 -11.51
N LEU B 626 21.16 37.13 -12.81
CA LEU B 626 20.33 36.19 -13.55
C LEU B 626 21.01 34.83 -13.63
N TRP B 627 22.23 34.80 -14.14
CA TRP B 627 22.97 33.55 -14.24
C TRP B 627 23.59 33.11 -12.93
N LYS B 628 23.37 33.84 -11.84
CA LYS B 628 23.81 33.36 -10.54
C LYS B 628 22.94 32.20 -10.07
N ASN B 629 21.65 32.22 -10.44
CA ASN B 629 20.76 31.15 -10.02
C ASN B 629 21.07 29.85 -10.74
N HIS B 630 21.45 29.94 -12.01
CA HIS B 630 21.66 28.72 -12.80
C HIS B 630 22.93 28.01 -12.38
N VAL B 631 23.96 28.75 -11.97
CA VAL B 631 25.16 28.08 -11.49
C VAL B 631 24.94 27.60 -10.06
N ALA B 632 23.98 28.19 -9.35
CA ALA B 632 23.62 27.66 -8.04
C ALA B 632 22.81 26.38 -8.18
N LEU B 633 21.93 26.31 -9.19
CA LEU B 633 21.15 25.10 -9.39
C LEU B 633 22.01 23.93 -9.85
N ALA B 634 23.06 24.22 -10.63
CA ALA B 634 23.93 23.15 -11.07
C ALA B 634 24.75 22.60 -9.90
N CYS B 635 25.09 23.44 -8.94
CA CYS B 635 25.75 22.95 -7.74
C CYS B 635 24.80 22.15 -6.86
N MET B 636 23.49 22.42 -6.96
CA MET B 636 22.51 21.61 -6.24
C MET B 636 22.36 20.24 -6.87
N ILE B 637 22.56 20.14 -8.19
CA ILE B 637 22.39 18.87 -8.89
C ILE B 637 23.56 17.94 -8.57
N VAL B 638 24.78 18.48 -8.59
CA VAL B 638 25.97 17.65 -8.41
C VAL B 638 26.07 17.14 -6.98
N ILE B 639 25.60 17.93 -6.01
CA ILE B 639 25.60 17.48 -4.63
C ILE B 639 24.60 16.34 -4.43
N PHE B 640 23.36 16.53 -4.89
CA PHE B 640 22.31 15.55 -4.64
C PHE B 640 22.52 14.27 -5.43
N LEU B 641 23.03 14.37 -6.66
CA LEU B 641 23.30 13.17 -7.43
C LEU B 641 24.47 12.38 -6.86
N THR B 642 25.35 13.04 -6.11
CA THR B 642 26.50 12.34 -5.55
C THR B 642 26.09 11.47 -4.37
N ILE B 643 25.28 12.00 -3.44
CA ILE B 643 24.83 11.19 -2.31
C ILE B 643 23.82 10.13 -2.72
N ALA B 644 23.21 10.25 -3.89
CA ALA B 644 22.49 9.11 -4.46
C ALA B 644 23.46 8.00 -4.82
N TYR B 645 24.61 8.36 -5.39
CA TYR B 645 25.61 7.36 -5.74
C TYR B 645 26.32 6.82 -4.51
N LEU B 646 26.53 7.66 -3.49
CA LEU B 646 27.24 7.20 -2.31
C LEU B 646 26.39 6.26 -1.46
N LYS B 647 25.11 6.54 -1.32
CA LYS B 647 24.28 5.64 -0.52
C LYS B 647 23.82 4.42 -1.30
N LEU B 648 24.14 4.34 -2.60
CA LEU B 648 23.99 3.08 -3.30
C LEU B 648 25.14 2.13 -2.99
N LEU B 649 26.34 2.67 -2.75
CA LEU B 649 27.51 1.83 -2.48
C LEU B 649 27.41 1.18 -1.11
N PHE B 650 27.18 1.98 -0.08
CA PHE B 650 27.15 1.49 1.30
C PHE B 650 25.79 0.92 1.66
N LEU B 651 25.34 -0.08 0.91
CA LEU B 651 24.09 -0.77 1.15
C LEU B 651 24.38 -2.18 1.62
N LYS B 652 23.45 -2.76 2.37
CA LYS B 652 23.61 -4.14 2.82
C LYS B 652 23.25 -5.10 1.70
N LYS B 653 24.22 -5.46 0.86
CA LYS B 653 23.98 -6.32 -0.29
C LYS B 653 24.00 -7.80 0.08
N TYR B 654 23.23 -8.20 1.06
CA TYR B 654 23.24 -9.60 1.49
C TYR B 654 21.83 -10.07 1.85
#